data_4ZGA
#
_entry.id   4ZGA
#
_cell.length_a   53.672
_cell.length_b   64.001
_cell.length_c   70.505
_cell.angle_alpha   99.44
_cell.angle_beta   108.39
_cell.angle_gamma   98.61
#
_symmetry.space_group_name_H-M   'P 1'
#
loop_
_entity.id
_entity.type
_entity.pdbx_description
1 polymer 'Ectonucleotide pyrophosphatase/phosphodiesterase family member 2'
2 branched 2-acetamido-2-deoxy-beta-D-glucopyranose-(1-4)-2-acetamido-2-deoxy-beta-D-glucopyranose
3 non-polymer 'ZINC ION'
4 non-polymer 'CALCIUM ION'
5 non-polymer 1,2-ETHANEDIOL
6 non-polymer 'THIOCYANATE ION'
7 non-polymer 'ARACHIDONIC ACID'
8 non-polymer "(11aS)-6-(4-fluorobenzyl)-5,6,11,11a-tetrahydro-1H-imidazo[1',5':1,6]pyrido[3,4-b]indole-1,3(2H)-dione"
9 water water
#
_entity_poly.entity_id   1
_entity_poly.type   'polypeptide(L)'
_entity_poly.pdbx_seq_one_letter_code
;MARRSSFQSCQIISLFTFAVGVNICLGFTAHRIKRAEGWEEGPPTVLSDSPWTNISGSCKGRCFELQEAGPPDCRCDNLC
KSYTSCCHDFDELCLKTARGWECTKDRCGEVRNEENACHCSEDCLARGDCCTNYQVVCKGESHWVDDDCEEIKAAECPAG
FVRPPLIIFSVDGFRASYMKKGSKVMPNIEKLRSCGTHSPYMRPVYPTKTFPNLYTLATGLYPESHGIVGNSMYDPVFDA
TFHLRGREKFNHRWWGGQPLWITATKQGVKAGTFFWSVVIPHERRILTILQWLTLPDHERPSVYAFYSEQPDFSGHKYGP
FGPEMTNPLREIDKIVGQLMDGLKQLKLHRCVNVIFVGDHGMEDVTCDRTEFLSNYLTNVDDITLVPGTLGRIRSKFSNN
AKYDPKAIIANLTCKKPDQHFKPYLKQHLPKRLHYANNRRIEDIHLLVERRWHVARKPLDVYKKPSGKCFFQGDHGFDNK
VNSMQTVFVGYGSTFKYKTKVPPFENIELYNVMCDLLGLKPAPNNGTHGSLNHLLRTNTFRPTMPEEVTRPNYPGIMYLQ
SDFDLGCTCDDKVEPKNKLDELNKRLHTKGSTEERHLLYGRPAVLYRTRYDILYHTDFESGYSEIFLMPLWTSYTVSKQA
EVSSVPDHLTSCVRPDVRVSPSFSQNCLAYKNDKQMSYGFLFPPYLSSSPEAKYDAFLVTNMVPMYPAFKRVWNYFQRVL
VKKYASERNGVNVISGPIFDYDYDGLHDTEDKIKQYVEGSSIPVPTHYYSIITSCLDFTQPADKCDGPLSVSSFILPHRP
DNEESCNSSEDESKWVEELMKMHTARVRDIEHLTSLDFFRKTSRSYPEILTLKTYLHTYESEI
;
_entity_poly.pdbx_strand_id   A
#
loop_
_chem_comp.id
_chem_comp.type
_chem_comp.name
_chem_comp.formula
4O3 non-polymer (11aS)-6-(4-fluorobenzyl)-5,6,11,11a-tetrahydro-1H-imidazo[1',5':1,6]pyrido[3,4-b]indole-1,3(2H)-dione 'C20 H16 F N3 O2'
ACD non-polymer 'ARACHIDONIC ACID' 'C20 H32 O2'
CA non-polymer 'CALCIUM ION' 'Ca 2'
EDO non-polymer 1,2-ETHANEDIOL 'C2 H6 O2'
NAG D-saccharide, beta linking 2-acetamido-2-deoxy-beta-D-glucopyranose 'C8 H15 N O6'
SCN non-polymer 'THIOCYANATE ION' 'C N S -1'
ZN non-polymer 'ZINC ION' 'Zn 2'
#
# COMPACT_ATOMS: atom_id res chain seq x y z
N GLY A 57 29.01 -35.84 -2.27
CA GLY A 57 27.60 -36.29 -2.49
C GLY A 57 27.22 -36.05 -3.93
N SER A 58 25.98 -36.40 -4.27
CA SER A 58 25.54 -36.27 -5.65
C SER A 58 24.11 -35.78 -5.75
N CYS A 59 23.84 -35.10 -6.85
CA CYS A 59 22.49 -34.67 -7.17
C CYS A 59 21.84 -35.60 -8.18
N LYS A 60 22.39 -36.79 -8.38
CA LYS A 60 21.77 -37.72 -9.32
C LYS A 60 20.33 -37.97 -8.88
N GLY A 61 19.38 -37.50 -9.69
CA GLY A 61 17.95 -37.69 -9.39
C GLY A 61 17.35 -36.73 -8.37
N ARG A 62 18.14 -35.75 -7.93
CA ARG A 62 17.77 -34.86 -6.84
C ARG A 62 17.57 -33.41 -7.26
N CYS A 63 17.79 -33.10 -8.53
CA CYS A 63 17.81 -31.72 -9.00
C CYS A 63 16.49 -30.99 -8.72
N PHE A 64 16.59 -29.83 -8.09
CA PHE A 64 15.42 -29.00 -7.77
C PHE A 64 14.38 -29.81 -7.03
N GLU A 65 14.89 -30.56 -6.05
CA GLU A 65 14.07 -31.26 -5.07
C GLU A 65 13.51 -30.27 -4.04
N LEU A 66 12.66 -30.80 -3.17
CA LEU A 66 12.21 -30.11 -1.98
C LEU A 66 12.65 -30.93 -0.74
N CYS A 74 24.56 -32.13 1.88
CA CYS A 74 24.84 -31.81 0.48
C CYS A 74 23.56 -31.63 -0.35
N ARG A 75 23.34 -30.43 -0.89
CA ARG A 75 22.03 -30.04 -1.42
C ARG A 75 21.87 -30.07 -2.93
N CYS A 76 20.61 -30.20 -3.37
CA CYS A 76 20.26 -30.19 -4.79
C CYS A 76 18.95 -29.43 -5.07
N ASP A 77 18.52 -28.65 -4.09
CA ASP A 77 17.37 -27.76 -4.23
C ASP A 77 17.76 -26.38 -4.83
N ASN A 78 16.75 -25.59 -5.17
CA ASN A 78 16.98 -24.40 -5.99
C ASN A 78 17.58 -23.18 -5.29
N LEU A 79 17.80 -23.26 -3.98
CA LEU A 79 18.57 -22.22 -3.27
C LEU A 79 20.02 -22.63 -2.97
N CYS A 80 20.40 -23.83 -3.43
CA CYS A 80 21.62 -24.45 -2.96
C CYS A 80 22.84 -23.58 -3.28
N LYS A 81 22.86 -22.99 -4.47
CA LYS A 81 23.90 -22.01 -4.82
C LYS A 81 23.92 -20.89 -3.77
N SER A 82 22.81 -20.20 -3.63
CA SER A 82 22.74 -19.07 -2.76
C SER A 82 23.39 -19.34 -1.43
N TYR A 83 23.67 -20.60 -1.14
CA TYR A 83 24.26 -20.93 0.15
C TYR A 83 25.60 -21.54 -0.03
N THR A 84 26.07 -21.60 -1.25
CA THR A 84 27.38 -22.15 -1.52
C THR A 84 27.45 -23.52 -0.90
N SER A 85 26.72 -24.48 -1.45
CA SER A 85 26.63 -25.76 -0.81
C SER A 85 25.83 -26.77 -1.59
N CYS A 86 26.05 -26.80 -2.89
CA CYS A 86 25.52 -27.87 -3.72
C CYS A 86 26.57 -28.93 -3.98
N CYS A 87 26.11 -30.15 -4.23
CA CYS A 87 26.99 -31.26 -4.52
C CYS A 87 27.83 -31.03 -5.77
N HIS A 88 29.03 -31.60 -5.78
CA HIS A 88 29.94 -31.48 -6.90
C HIS A 88 29.18 -31.41 -8.22
N ASP A 89 28.31 -32.40 -8.43
CA ASP A 89 27.67 -32.53 -9.73
C ASP A 89 26.37 -31.73 -9.89
N PHE A 90 26.13 -30.73 -9.04
CA PHE A 90 24.90 -29.93 -9.18
C PHE A 90 24.88 -29.24 -10.53
N ASP A 91 25.94 -28.48 -10.79
CA ASP A 91 26.08 -27.79 -12.06
C ASP A 91 25.96 -28.83 -13.14
N GLU A 92 26.82 -29.85 -13.08
CA GLU A 92 26.90 -30.92 -14.08
C GLU A 92 25.57 -31.63 -14.38
N LEU A 93 24.87 -32.10 -13.35
CA LEU A 93 23.62 -32.86 -13.53
C LEU A 93 22.38 -31.98 -13.70
N CYS A 94 22.36 -30.80 -13.07
CA CYS A 94 21.12 -29.99 -12.92
C CYS A 94 21.01 -28.73 -13.80
N LEU A 95 22.12 -28.02 -13.95
CA LEU A 95 22.17 -26.84 -14.83
C LEU A 95 22.86 -27.22 -16.14
N LYS A 96 22.10 -27.78 -17.10
CA LYS A 96 22.64 -28.18 -18.41
C LYS A 96 21.83 -27.52 -19.54
N THR A 97 22.53 -26.97 -20.54
CA THR A 97 21.97 -26.01 -21.51
C THR A 97 21.96 -26.41 -22.99
N ALA A 98 22.59 -27.55 -23.31
CA ALA A 98 22.80 -27.96 -24.70
C ALA A 98 21.49 -28.05 -25.48
N ARG A 99 21.50 -27.52 -26.70
CA ARG A 99 20.32 -27.40 -27.57
C ARG A 99 19.19 -26.49 -27.05
N GLY A 100 19.36 -25.86 -25.90
CA GLY A 100 18.44 -24.80 -25.48
C GLY A 100 17.11 -25.30 -24.92
N TRP A 101 16.02 -24.60 -25.22
CA TRP A 101 14.72 -24.84 -24.56
C TRP A 101 13.49 -24.81 -25.49
N GLU A 102 13.65 -25.07 -26.78
CA GLU A 102 12.51 -25.04 -27.72
C GLU A 102 12.62 -26.15 -28.81
N CYS A 103 11.78 -27.19 -28.71
CA CYS A 103 11.77 -28.25 -29.74
C CYS A 103 11.55 -27.71 -31.16
N THR A 104 12.12 -28.44 -32.13
CA THR A 104 11.88 -28.22 -33.56
C THR A 104 11.85 -29.61 -34.24
N LYS A 105 11.31 -29.65 -35.47
CA LYS A 105 11.15 -30.92 -36.21
C LYS A 105 12.39 -31.80 -36.08
N ASP A 106 13.53 -31.26 -36.52
CA ASP A 106 14.85 -31.93 -36.44
C ASP A 106 15.08 -32.92 -35.26
N ARG A 107 14.50 -32.64 -34.09
CA ARG A 107 14.73 -33.47 -32.90
C ARG A 107 13.50 -34.20 -32.32
N CYS A 108 12.36 -34.17 -33.03
CA CYS A 108 11.13 -34.83 -32.56
C CYS A 108 11.22 -36.37 -32.47
N GLY A 109 12.39 -36.90 -32.13
CA GLY A 109 12.55 -38.33 -31.89
C GLY A 109 13.19 -38.59 -30.54
N ASN A 113 18.06 -39.20 -24.88
CA ASN A 113 19.35 -38.66 -24.47
C ASN A 113 19.35 -38.23 -22.98
N GLU A 114 20.18 -37.25 -22.63
CA GLU A 114 20.42 -36.90 -21.22
C GLU A 114 21.41 -35.74 -21.02
N GLU A 115 22.11 -35.31 -22.09
CA GLU A 115 22.99 -34.13 -22.03
C GLU A 115 22.22 -32.86 -22.45
N ASN A 116 21.02 -33.04 -22.98
CA ASN A 116 20.15 -31.92 -23.35
C ASN A 116 19.54 -31.22 -22.13
N ALA A 117 18.82 -30.11 -22.35
CA ALA A 117 18.23 -29.33 -21.26
C ALA A 117 16.78 -29.73 -21.08
N CYS A 118 16.09 -29.88 -22.19
CA CYS A 118 14.77 -30.47 -22.20
C CYS A 118 14.65 -31.35 -23.44
N HIS A 119 13.75 -32.32 -23.38
CA HIS A 119 13.77 -33.46 -24.30
C HIS A 119 12.56 -33.45 -25.23
N CYS A 120 12.66 -34.15 -26.35
CA CYS A 120 11.62 -34.10 -27.42
C CYS A 120 11.33 -35.49 -28.06
N GLU A 122 11.66 -41.05 -25.24
CA GLU A 122 10.34 -40.43 -25.21
C GLU A 122 9.71 -40.49 -23.83
N ASP A 123 10.54 -40.66 -22.81
CA ASP A 123 10.09 -40.55 -21.41
C ASP A 123 9.72 -39.10 -21.10
N CYS A 124 9.17 -38.45 -22.12
CA CYS A 124 9.12 -37.00 -22.18
C CYS A 124 7.98 -36.49 -21.32
N LEU A 125 6.74 -36.54 -21.85
CA LEU A 125 5.57 -36.18 -21.09
C LEU A 125 5.58 -37.05 -19.85
N ALA A 126 5.78 -38.36 -20.06
CA ALA A 126 5.94 -39.35 -19.01
C ALA A 126 6.86 -38.88 -17.85
N ARG A 127 8.17 -38.81 -18.10
CA ARG A 127 9.15 -38.39 -17.04
C ARG A 127 9.11 -36.89 -16.72
N GLY A 128 8.48 -36.12 -17.60
CA GLY A 128 8.17 -34.72 -17.33
C GLY A 128 9.30 -33.73 -17.53
N ASP A 129 10.11 -33.93 -18.57
CA ASP A 129 11.13 -32.93 -18.96
C ASP A 129 11.13 -32.69 -20.49
N CYS A 130 9.94 -32.65 -21.05
CA CYS A 130 9.73 -32.05 -22.33
C CYS A 130 10.13 -30.59 -22.36
N CYS A 131 10.48 -30.08 -23.54
CA CYS A 131 10.57 -28.65 -23.72
C CYS A 131 9.13 -28.27 -23.80
N THR A 132 8.82 -27.03 -23.43
CA THR A 132 7.42 -26.62 -23.31
C THR A 132 6.66 -26.61 -24.66
N ASN A 133 7.39 -26.48 -25.78
CA ASN A 133 6.76 -26.42 -27.14
C ASN A 133 6.47 -27.78 -27.83
N TYR A 134 7.11 -28.84 -27.35
CA TYR A 134 6.89 -30.23 -27.79
C TYR A 134 5.58 -30.52 -28.57
N GLN A 135 4.44 -30.36 -27.93
CA GLN A 135 3.17 -30.72 -28.55
C GLN A 135 2.75 -29.73 -29.63
N VAL A 136 3.24 -28.49 -29.52
CA VAL A 136 3.13 -27.57 -30.65
C VAL A 136 3.96 -28.14 -31.79
N VAL A 137 5.25 -28.32 -31.53
CA VAL A 137 6.22 -28.72 -32.54
C VAL A 137 5.92 -30.12 -33.08
N CYS A 138 5.81 -31.10 -32.17
CA CYS A 138 5.69 -32.52 -32.54
C CYS A 138 4.28 -33.13 -32.55
N LYS A 139 3.22 -32.39 -32.21
CA LYS A 139 1.87 -33.00 -32.22
C LYS A 139 0.81 -32.00 -32.61
N GLY A 140 1.19 -31.09 -33.50
CA GLY A 140 0.25 -30.09 -34.00
C GLY A 140 -0.80 -29.61 -33.01
N GLU A 141 -0.38 -29.25 -31.80
CA GLU A 141 -1.26 -28.52 -30.89
C GLU A 141 -0.96 -27.02 -31.01
N SER A 142 -1.97 -26.19 -30.82
CA SER A 142 -1.80 -24.73 -30.87
C SER A 142 -1.17 -24.20 -29.59
N HIS A 143 -0.22 -23.27 -29.70
CA HIS A 143 0.28 -22.56 -28.51
C HIS A 143 -0.95 -21.98 -27.77
N TRP A 144 -0.94 -22.07 -26.44
CA TRP A 144 -1.95 -21.40 -25.60
C TRP A 144 -2.29 -20.02 -26.13
N VAL A 145 -1.24 -19.28 -26.49
CA VAL A 145 -1.39 -17.91 -27.02
C VAL A 145 -2.36 -17.82 -28.19
N ASP A 146 -2.35 -18.85 -29.03
CA ASP A 146 -3.14 -18.84 -30.27
C ASP A 146 -4.60 -19.26 -30.09
N ASP A 147 -4.90 -19.94 -28.99
CA ASP A 147 -6.27 -20.35 -28.72
C ASP A 147 -7.12 -19.17 -28.23
N ASP A 148 -8.42 -19.28 -28.44
CA ASP A 148 -9.40 -18.26 -28.07
C ASP A 148 -9.53 -18.17 -26.59
N CYS A 149 -10.18 -17.10 -26.17
CA CYS A 149 -10.42 -16.84 -24.78
C CYS A 149 -11.69 -17.57 -24.42
N GLU A 150 -11.57 -18.65 -23.66
CA GLU A 150 -12.71 -19.43 -23.21
C GLU A 150 -12.90 -19.27 -21.69
N GLU A 151 -14.06 -18.74 -21.29
CA GLU A 151 -14.44 -18.62 -19.89
C GLU A 151 -14.40 -19.95 -19.13
N ILE A 152 -14.12 -19.85 -17.83
CA ILE A 152 -13.96 -21.01 -16.95
C ILE A 152 -14.98 -20.97 -15.80
N LYS A 153 -16.10 -21.68 -15.97
CA LYS A 153 -17.20 -21.63 -15.02
C LYS A 153 -16.86 -22.34 -13.73
N ALA A 154 -15.84 -23.20 -13.77
CA ALA A 154 -15.44 -24.01 -12.63
C ALA A 154 -14.08 -24.61 -12.95
N ALA A 155 -13.25 -24.87 -11.94
CA ALA A 155 -11.89 -25.33 -12.24
C ALA A 155 -11.95 -26.73 -12.85
N GLU A 156 -10.92 -27.06 -13.61
CA GLU A 156 -10.88 -28.32 -14.34
C GLU A 156 -9.53 -28.96 -14.06
N CYS A 157 -9.49 -29.78 -13.03
CA CYS A 157 -8.24 -30.36 -12.56
C CYS A 157 -8.20 -31.89 -12.70
N PRO A 158 -7.00 -32.45 -12.92
CA PRO A 158 -6.94 -33.90 -12.79
C PRO A 158 -7.44 -34.32 -11.41
N ALA A 159 -7.92 -35.56 -11.31
CA ALA A 159 -8.30 -36.13 -10.04
C ALA A 159 -7.07 -36.24 -9.16
N GLY A 160 -7.26 -36.06 -7.85
CA GLY A 160 -6.16 -35.99 -6.88
C GLY A 160 -5.75 -34.57 -6.52
N PHE A 161 -6.24 -33.60 -7.29
CA PHE A 161 -6.05 -32.18 -7.02
C PHE A 161 -7.21 -31.76 -6.19
N VAL A 162 -6.97 -31.60 -4.90
CA VAL A 162 -8.01 -31.25 -3.95
C VAL A 162 -8.38 -29.77 -4.03
N ARG A 163 -7.50 -28.95 -4.63
CA ARG A 163 -7.78 -27.51 -4.85
C ARG A 163 -6.99 -26.95 -6.04
N PRO A 164 -7.48 -25.86 -6.67
CA PRO A 164 -6.72 -25.29 -7.79
C PRO A 164 -5.39 -24.67 -7.35
N PRO A 165 -4.26 -25.11 -7.92
CA PRO A 165 -3.00 -24.55 -7.49
C PRO A 165 -2.89 -23.11 -7.85
N LEU A 166 -1.98 -22.42 -7.18
CA LEU A 166 -1.74 -21.00 -7.40
C LEU A 166 -0.30 -20.84 -7.83
N ILE A 167 -0.09 -20.14 -8.95
CA ILE A 167 1.25 -19.87 -9.41
C ILE A 167 1.43 -18.38 -9.56
N ILE A 168 2.49 -17.86 -8.94
CA ILE A 168 2.75 -16.43 -8.92
C ILE A 168 3.92 -16.12 -9.83
N PHE A 169 3.63 -15.33 -10.87
CA PHE A 169 4.62 -14.89 -11.80
C PHE A 169 4.96 -13.44 -11.47
N SER A 170 6.11 -13.25 -10.81
CA SER A 170 6.48 -11.94 -10.36
C SER A 170 7.72 -11.49 -11.11
N VAL A 171 7.76 -10.19 -11.36
CA VAL A 171 8.76 -9.57 -12.18
C VAL A 171 9.28 -8.32 -11.50
N ASP A 172 10.59 -8.19 -11.43
CA ASP A 172 11.16 -7.02 -10.78
C ASP A 172 11.05 -5.80 -11.68
N GLY A 173 10.33 -4.77 -11.24
CA GLY A 173 10.47 -3.45 -11.86
C GLY A 173 9.60 -3.16 -13.07
N PHE A 174 8.46 -3.87 -13.12
CA PHE A 174 7.54 -3.80 -14.21
C PHE A 174 6.56 -2.67 -13.97
N ARG A 175 6.73 -1.62 -14.75
CA ARG A 175 5.93 -0.41 -14.66
C ARG A 175 4.55 -0.54 -15.32
N ALA A 176 3.50 -0.09 -14.63
CA ALA A 176 2.11 -0.30 -15.09
C ALA A 176 1.82 0.17 -16.54
N SER A 177 2.61 1.12 -17.02
CA SER A 177 2.41 1.68 -18.36
C SER A 177 3.15 0.88 -19.40
N TYR A 178 4.09 0.05 -18.98
CA TYR A 178 4.65 -0.86 -19.94
C TYR A 178 3.54 -1.61 -20.66
N MET A 179 2.41 -1.83 -19.99
CA MET A 179 1.28 -2.57 -20.61
C MET A 179 0.67 -1.85 -21.84
N LYS A 180 0.93 -0.56 -21.97
CA LYS A 180 0.61 0.15 -23.20
C LYS A 180 1.24 -0.58 -24.40
N LYS A 181 2.52 -0.97 -24.28
CA LYS A 181 3.33 -1.47 -25.41
C LYS A 181 2.63 -2.49 -26.36
N GLY A 182 1.70 -3.29 -25.84
CA GLY A 182 0.82 -4.11 -26.68
C GLY A 182 1.20 -5.53 -27.09
N SER A 183 0.20 -6.24 -27.62
CA SER A 183 0.34 -7.66 -27.97
C SER A 183 1.37 -7.98 -29.06
N LYS A 184 1.81 -6.99 -29.83
CA LYS A 184 2.93 -7.21 -30.76
C LYS A 184 4.27 -7.48 -30.02
N VAL A 185 4.43 -7.02 -28.78
CA VAL A 185 5.62 -7.47 -28.03
C VAL A 185 5.29 -8.47 -26.96
N MET A 186 4.17 -8.28 -26.29
CA MET A 186 3.84 -9.09 -25.13
C MET A 186 2.49 -9.76 -25.32
N PRO A 187 2.42 -10.68 -26.30
CA PRO A 187 1.12 -11.25 -26.64
C PRO A 187 0.65 -12.18 -25.54
N ASN A 188 1.55 -13.01 -25.03
CA ASN A 188 1.19 -13.95 -23.96
C ASN A 188 0.68 -13.25 -22.74
N ILE A 189 1.49 -12.29 -22.26
CA ILE A 189 1.10 -11.47 -21.10
C ILE A 189 -0.18 -10.73 -21.40
N GLU A 190 -0.38 -10.37 -22.67
CA GLU A 190 -1.58 -9.61 -23.06
C GLU A 190 -2.84 -10.48 -23.12
N LYS A 191 -2.69 -11.79 -23.38
CA LYS A 191 -3.87 -12.65 -23.36
C LYS A 191 -4.40 -12.73 -21.94
N LEU A 192 -3.50 -12.91 -20.97
CA LEU A 192 -3.89 -13.01 -19.56
C LEU A 192 -4.66 -11.76 -19.10
N ARG A 193 -4.15 -10.57 -19.44
CA ARG A 193 -4.75 -9.30 -18.99
C ARG A 193 -6.14 -9.13 -19.57
N SER A 194 -6.16 -9.21 -20.90
CA SER A 194 -7.34 -9.00 -21.69
C SER A 194 -8.40 -10.00 -21.24
N CYS A 195 -7.92 -11.19 -20.94
CA CYS A 195 -8.75 -12.37 -20.86
C CYS A 195 -9.14 -12.67 -19.45
N GLY A 196 -8.24 -12.40 -18.53
CA GLY A 196 -8.49 -12.63 -17.12
C GLY A 196 -9.00 -11.39 -16.45
N THR A 197 -8.64 -11.25 -15.17
CA THR A 197 -8.90 -10.05 -14.35
C THR A 197 -7.68 -9.13 -14.28
N HIS A 198 -7.88 -7.85 -14.52
CA HIS A 198 -6.78 -6.93 -14.45
C HIS A 198 -7.22 -5.60 -13.91
N SER A 199 -6.23 -4.79 -13.54
CA SER A 199 -6.49 -3.44 -13.11
C SER A 199 -5.48 -2.52 -13.78
N PRO A 200 -5.85 -1.17 -13.80
CA PRO A 200 -4.95 -0.33 -14.59
C PRO A 200 -3.51 -0.32 -14.12
N TYR A 201 -3.37 -0.33 -12.82
CA TYR A 201 -2.09 -0.48 -12.12
C TYR A 201 -2.26 -0.93 -10.67
N MET A 202 -1.16 -1.35 -10.05
CA MET A 202 -1.15 -1.68 -8.62
C MET A 202 -0.21 -0.78 -7.84
N ARG A 203 -0.68 -0.30 -6.69
CA ARG A 203 0.18 0.54 -5.86
C ARG A 203 1.13 -0.31 -5.03
N PRO A 204 2.43 -0.06 -5.15
CA PRO A 204 3.43 -0.67 -4.31
C PRO A 204 3.53 0.10 -2.96
N VAL A 205 4.36 -0.36 -2.01
CA VAL A 205 4.57 0.34 -0.72
C VAL A 205 5.87 1.11 -0.70
N TYR A 206 5.91 2.16 0.13
CA TYR A 206 7.12 2.94 0.30
C TYR A 206 7.96 2.21 1.32
N PRO A 207 9.27 2.09 1.06
CA PRO A 207 9.99 2.57 -0.11
C PRO A 207 9.85 1.62 -1.30
N THR A 208 9.74 2.18 -2.52
CA THR A 208 9.43 1.41 -3.71
C THR A 208 10.67 0.67 -4.24
N LYS A 209 11.12 -0.29 -3.43
CA LYS A 209 12.32 -1.09 -3.68
C LYS A 209 11.91 -2.54 -3.59
N THR A 210 12.73 -3.41 -4.15
CA THR A 210 12.35 -4.79 -4.41
C THR A 210 11.99 -5.54 -3.12
N PHE A 211 12.93 -5.51 -2.16
CA PHE A 211 12.82 -6.33 -0.95
C PHE A 211 11.67 -5.90 -0.05
N PRO A 212 11.43 -4.60 0.07
CA PRO A 212 10.26 -4.32 0.90
C PRO A 212 8.91 -4.73 0.26
N ASN A 213 8.78 -4.56 -1.05
CA ASN A 213 7.50 -4.80 -1.73
C ASN A 213 7.20 -6.29 -1.92
N LEU A 214 8.24 -7.07 -2.23
CA LEU A 214 8.10 -8.52 -2.26
C LEU A 214 7.62 -9.12 -0.96
N TYR A 215 8.22 -8.71 0.17
CA TYR A 215 7.77 -9.27 1.46
C TYR A 215 6.38 -8.73 1.80
N THR A 216 6.12 -7.50 1.38
CA THR A 216 4.79 -6.91 1.58
C THR A 216 3.84 -7.85 0.90
N LEU A 217 3.94 -7.94 -0.42
CA LEU A 217 3.22 -8.94 -1.21
C LEU A 217 3.07 -10.30 -0.49
N ALA A 218 4.14 -10.77 0.13
CA ALA A 218 4.08 -12.07 0.80
C ALA A 218 3.36 -12.06 2.16
N THR A 219 3.12 -10.88 2.72
CA THR A 219 2.72 -10.75 4.13
C THR A 219 1.40 -10.07 4.35
N GLY A 220 1.06 -9.16 3.46
CA GLY A 220 -0.10 -8.27 3.67
C GLY A 220 0.21 -7.12 4.63
N LEU A 221 1.50 -6.89 4.86
CA LEU A 221 1.94 -5.90 5.85
C LEU A 221 2.83 -4.79 5.26
N TYR A 222 2.72 -3.62 5.90
CA TYR A 222 3.62 -2.54 5.58
C TYR A 222 5.01 -2.97 6.06
N PRO A 223 6.06 -2.42 5.46
CA PRO A 223 7.37 -2.86 5.89
C PRO A 223 7.61 -2.66 7.37
N GLU A 224 7.17 -1.53 7.91
CA GLU A 224 7.39 -1.23 9.31
C GLU A 224 6.95 -2.37 10.24
N SER A 225 5.99 -3.19 9.81
CA SER A 225 5.43 -4.30 10.57
C SER A 225 6.13 -5.59 10.32
N HIS A 226 6.48 -5.81 9.05
CA HIS A 226 7.27 -6.99 8.66
C HIS A 226 8.79 -6.84 8.88
N GLY A 227 9.29 -5.66 9.17
CA GLY A 227 10.71 -5.55 9.47
C GLY A 227 11.66 -5.38 8.30
N ILE A 228 11.18 -5.59 7.09
CA ILE A 228 12.02 -5.35 5.93
C ILE A 228 11.77 -3.95 5.36
N VAL A 229 12.35 -2.96 6.05
CA VAL A 229 12.03 -1.56 5.81
C VAL A 229 12.89 -0.95 4.72
N GLY A 230 13.87 -1.70 4.23
CA GLY A 230 14.65 -1.25 3.08
C GLY A 230 15.60 -2.32 2.59
N ASN A 231 16.08 -2.19 1.35
CA ASN A 231 17.08 -3.12 0.79
C ASN A 231 18.33 -3.21 1.67
N SER A 232 18.67 -2.10 2.32
CA SER A 232 19.71 -2.05 3.32
C SER A 232 19.12 -1.56 4.61
N MET A 233 19.58 -2.09 5.75
CA MET A 233 19.16 -1.57 7.07
C MET A 233 19.99 -2.05 8.27
N TYR A 234 19.99 -1.20 9.31
CA TYR A 234 20.77 -1.41 10.53
C TYR A 234 19.82 -1.53 11.71
N ASP A 235 19.96 -2.60 12.48
CA ASP A 235 19.05 -2.83 13.60
C ASP A 235 19.82 -2.66 14.92
N PRO A 236 19.55 -1.53 15.60
CA PRO A 236 20.34 -1.17 16.77
C PRO A 236 20.32 -2.23 17.85
N VAL A 237 19.17 -2.90 18.00
CA VAL A 237 19.03 -3.97 18.98
C VAL A 237 19.89 -5.18 18.61
N PHE A 238 20.02 -5.50 17.33
CA PHE A 238 20.96 -6.55 16.88
C PHE A 238 22.39 -6.05 16.78
N ASP A 239 22.56 -4.77 16.47
CA ASP A 239 23.85 -4.25 16.01
C ASP A 239 24.44 -5.08 14.86
N ALA A 240 23.93 -4.85 13.67
CA ALA A 240 24.28 -5.58 12.47
C ALA A 240 23.48 -4.99 11.32
N THR A 241 24.02 -5.05 10.11
CA THR A 241 23.34 -4.45 8.97
C THR A 241 22.92 -5.48 7.95
N PHE A 242 21.72 -5.25 7.42
CA PHE A 242 21.16 -6.03 6.35
C PHE A 242 21.53 -5.38 4.99
N HIS A 243 21.99 -6.20 4.03
CA HIS A 243 22.32 -5.77 2.68
C HIS A 243 21.80 -6.78 1.67
N LEU A 244 21.64 -6.36 0.43
CA LEU A 244 21.19 -7.25 -0.64
C LEU A 244 22.27 -8.27 -0.99
N ARG A 245 23.50 -7.80 -1.12
CA ARG A 245 24.61 -8.70 -1.24
C ARG A 245 25.12 -8.93 0.19
N GLY A 246 25.29 -10.21 0.58
CA GLY A 246 25.82 -10.57 1.90
C GLY A 246 25.15 -11.83 2.44
N ARG A 247 25.58 -12.31 3.61
CA ARG A 247 24.97 -13.52 4.18
C ARG A 247 24.03 -13.17 5.36
N GLU A 248 24.03 -11.90 5.76
CA GLU A 248 23.25 -11.47 6.91
C GLU A 248 21.73 -11.59 6.70
N LYS A 249 21.27 -11.25 5.50
CA LYS A 249 19.85 -11.36 5.14
C LYS A 249 19.22 -12.74 5.44
N PHE A 250 20.06 -13.78 5.36
CA PHE A 250 19.60 -15.13 5.57
C PHE A 250 19.13 -15.42 6.99
N ASN A 251 19.56 -14.64 7.97
CA ASN A 251 19.14 -14.89 9.36
C ASN A 251 17.68 -14.58 9.53
N HIS A 252 16.97 -15.49 10.16
CA HIS A 252 15.55 -15.37 10.16
C HIS A 252 15.12 -14.16 11.00
N ARG A 253 15.88 -13.86 12.04
CA ARG A 253 15.54 -12.82 13.01
C ARG A 253 15.10 -11.50 12.34
N TRP A 254 15.59 -11.22 11.13
CA TRP A 254 15.15 -10.06 10.35
C TRP A 254 13.69 -10.03 9.95
N TRP A 255 13.04 -11.19 9.88
CA TRP A 255 11.82 -11.41 9.09
C TRP A 255 10.57 -11.62 9.95
N GLY A 256 9.66 -10.67 9.98
CA GLY A 256 8.44 -10.86 10.79
C GLY A 256 7.27 -11.31 9.96
N GLY A 257 6.06 -10.92 10.40
CA GLY A 257 4.79 -11.34 9.79
C GLY A 257 4.66 -12.84 9.65
N GLN A 258 3.86 -13.29 8.70
CA GLN A 258 3.79 -14.71 8.29
C GLN A 258 3.72 -14.78 6.76
N PRO A 259 4.86 -15.02 6.10
CA PRO A 259 4.79 -15.05 4.63
C PRO A 259 3.85 -16.14 4.15
N LEU A 260 3.49 -16.13 2.87
CA LEU A 260 2.34 -16.96 2.43
C LEU A 260 2.69 -18.42 2.52
N TRP A 261 3.92 -18.74 2.13
CA TRP A 261 4.39 -20.10 2.24
C TRP A 261 4.26 -20.68 3.66
N ILE A 262 4.44 -19.83 4.68
CA ILE A 262 4.34 -20.33 6.04
C ILE A 262 2.88 -20.54 6.39
N THR A 263 2.01 -19.61 6.02
CA THR A 263 0.56 -19.74 6.25
C THR A 263 -0.05 -21.01 5.62
N ALA A 264 0.37 -21.30 4.38
CA ALA A 264 -0.02 -22.55 3.73
C ALA A 264 0.42 -23.77 4.56
N THR A 265 1.71 -23.82 4.83
CA THR A 265 2.26 -24.97 5.53
C THR A 265 1.57 -25.25 6.85
N LYS A 266 1.35 -24.21 7.65
CA LYS A 266 0.67 -24.38 8.95
C LYS A 266 -0.73 -24.90 8.83
N GLN A 267 -1.36 -24.71 7.67
CA GLN A 267 -2.74 -25.15 7.46
C GLN A 267 -2.83 -26.38 6.52
N GLY A 268 -1.77 -27.14 6.38
CA GLY A 268 -1.83 -28.39 5.65
C GLY A 268 -1.53 -28.27 4.15
N VAL A 269 -1.15 -27.08 3.69
CA VAL A 269 -0.86 -26.92 2.27
C VAL A 269 0.61 -26.70 1.86
N LYS A 270 1.12 -27.64 1.05
CA LYS A 270 2.53 -27.68 0.74
C LYS A 270 2.81 -26.53 -0.20
N ALA A 271 4.01 -25.94 -0.05
CA ALA A 271 4.46 -24.78 -0.85
C ALA A 271 5.67 -25.11 -1.73
N GLY A 272 5.62 -24.71 -3.00
CA GLY A 272 6.83 -24.69 -3.81
C GLY A 272 7.72 -23.58 -3.26
N THR A 273 8.99 -23.61 -3.63
CA THR A 273 9.92 -22.55 -3.26
C THR A 273 9.56 -21.23 -3.93
N PHE A 274 9.68 -20.13 -3.17
CA PHE A 274 9.41 -18.77 -3.63
C PHE A 274 10.65 -18.01 -4.04
N PHE A 275 11.83 -18.59 -3.84
CA PHE A 275 13.10 -17.95 -4.23
C PHE A 275 13.90 -18.84 -5.19
N TRP A 276 14.66 -18.19 -6.08
CA TRP A 276 15.45 -18.90 -7.09
C TRP A 276 16.81 -18.25 -7.18
N SER A 277 17.87 -19.05 -7.17
CA SER A 277 19.21 -18.50 -7.24
C SER A 277 19.44 -17.86 -8.57
N VAL A 278 20.42 -16.96 -8.59
CA VAL A 278 20.77 -16.15 -9.77
C VAL A 278 21.05 -17.03 -11.00
N VAL A 279 21.78 -18.12 -10.77
CA VAL A 279 22.33 -18.96 -11.81
C VAL A 279 21.26 -19.69 -12.62
N ILE A 280 20.21 -20.18 -11.94
CA ILE A 280 19.14 -20.92 -12.63
C ILE A 280 18.52 -20.02 -13.69
N PRO A 281 18.66 -20.35 -14.98
CA PRO A 281 18.02 -19.48 -15.97
C PRO A 281 16.52 -19.52 -15.87
N HIS A 282 15.88 -18.49 -16.39
CA HIS A 282 14.45 -18.38 -16.23
C HIS A 282 13.72 -19.60 -16.75
N GLU A 283 14.29 -20.24 -17.77
CA GLU A 283 13.58 -21.32 -18.47
C GLU A 283 13.57 -22.61 -17.65
N ARG A 284 14.69 -22.86 -16.98
CA ARG A 284 14.79 -23.94 -16.01
C ARG A 284 13.81 -23.79 -14.84
N ARG A 285 13.56 -22.54 -14.41
CA ARG A 285 12.61 -22.24 -13.32
C ARG A 285 11.18 -22.68 -13.68
N ILE A 286 10.75 -22.38 -14.89
CA ILE A 286 9.43 -22.81 -15.39
C ILE A 286 9.36 -24.32 -15.52
N LEU A 287 10.40 -24.93 -16.08
CA LEU A 287 10.36 -26.39 -16.21
C LEU A 287 10.21 -27.01 -14.82
N THR A 288 11.09 -26.61 -13.90
CA THR A 288 10.99 -27.06 -12.52
C THR A 288 9.57 -26.89 -11.92
N ILE A 289 8.89 -25.79 -12.19
CA ILE A 289 7.57 -25.61 -11.59
C ILE A 289 6.58 -26.61 -12.20
N LEU A 290 6.60 -26.67 -13.53
CA LEU A 290 5.79 -27.60 -14.29
C LEU A 290 6.08 -29.06 -13.90
N GLN A 291 7.36 -29.37 -13.70
CA GLN A 291 7.75 -30.69 -13.18
C GLN A 291 7.11 -30.94 -11.82
N TRP A 292 7.16 -29.93 -10.94
CA TRP A 292 6.67 -30.11 -9.58
C TRP A 292 5.17 -30.37 -9.55
N LEU A 293 4.45 -29.88 -10.55
CA LEU A 293 2.99 -30.12 -10.68
C LEU A 293 2.63 -31.57 -11.04
N THR A 294 3.62 -32.31 -11.56
CA THR A 294 3.45 -33.72 -11.94
C THR A 294 3.66 -34.70 -10.80
N LEU A 295 4.21 -34.23 -9.69
CA LEU A 295 4.40 -35.07 -8.51
C LEU A 295 3.08 -35.66 -7.96
N PRO A 296 3.20 -36.72 -7.16
CA PRO A 296 2.03 -37.37 -6.55
C PRO A 296 1.38 -36.59 -5.45
N ASP A 297 0.09 -36.84 -5.28
CA ASP A 297 -0.79 -36.03 -4.43
C ASP A 297 -0.19 -35.54 -3.11
N HIS A 298 0.46 -36.42 -2.37
CA HIS A 298 0.92 -36.05 -1.04
C HIS A 298 2.33 -35.48 -0.96
N GLU A 299 2.90 -35.12 -2.12
CA GLU A 299 4.15 -34.35 -2.19
C GLU A 299 4.05 -33.05 -3.02
N ARG A 300 3.01 -32.94 -3.82
CA ARG A 300 2.86 -31.87 -4.78
C ARG A 300 2.40 -30.58 -4.08
N PRO A 301 3.20 -29.49 -4.17
CA PRO A 301 2.72 -28.21 -3.63
C PRO A 301 1.53 -27.61 -4.39
N SER A 302 0.70 -26.84 -3.68
CA SER A 302 -0.43 -26.16 -4.31
C SER A 302 -0.11 -24.69 -4.67
N VAL A 303 0.98 -24.13 -4.15
CA VAL A 303 1.35 -22.79 -4.55
C VAL A 303 2.80 -22.68 -5.01
N TYR A 304 3.00 -21.90 -6.07
CA TYR A 304 4.33 -21.66 -6.55
C TYR A 304 4.53 -20.21 -6.83
N ALA A 305 5.80 -19.80 -6.77
CA ALA A 305 6.23 -18.54 -7.30
C ALA A 305 7.40 -18.71 -8.27
N PHE A 306 7.24 -18.15 -9.46
CA PHE A 306 8.36 -17.83 -10.32
C PHE A 306 8.73 -16.37 -10.06
N TYR A 307 10.02 -16.11 -10.05
CA TYR A 307 10.53 -14.75 -9.93
C TYR A 307 11.54 -14.47 -11.02
N SER A 308 11.49 -13.26 -11.59
CA SER A 308 12.54 -12.80 -12.49
CA SER A 308 12.51 -12.79 -12.52
C SER A 308 12.93 -11.36 -12.19
N GLU A 309 14.22 -11.08 -12.37
CA GLU A 309 14.83 -9.76 -12.11
C GLU A 309 14.67 -8.76 -13.26
N GLN A 310 13.76 -9.09 -14.19
CA GLN A 310 13.42 -8.26 -15.35
C GLN A 310 11.99 -7.80 -15.15
N PRO A 311 11.62 -6.57 -15.62
CA PRO A 311 12.40 -5.59 -16.36
C PRO A 311 13.35 -4.71 -15.55
N ASP A 312 13.51 -4.99 -14.26
CA ASP A 312 14.32 -4.12 -13.41
C ASP A 312 15.69 -3.90 -13.96
N PHE A 313 16.42 -4.98 -14.20
CA PHE A 313 17.83 -4.88 -14.58
C PHE A 313 18.03 -3.91 -15.73
N SER A 314 17.27 -4.03 -16.82
CA SER A 314 17.58 -3.25 -18.02
C SER A 314 17.03 -1.81 -17.99
N GLY A 315 15.88 -1.61 -17.35
CA GLY A 315 15.39 -0.27 -16.96
C GLY A 315 16.42 0.63 -16.26
N HIS A 316 17.22 0.07 -15.34
CA HIS A 316 18.33 0.78 -14.70
C HIS A 316 19.33 1.29 -15.73
N LYS A 317 19.58 0.51 -16.78
CA LYS A 317 20.62 0.84 -17.76
C LYS A 317 20.11 1.80 -18.84
N TYR A 318 18.85 1.62 -19.25
CA TYR A 318 18.25 2.35 -20.37
C TYR A 318 17.13 3.30 -20.01
N GLY A 319 16.58 3.18 -18.81
CA GLY A 319 15.50 4.05 -18.35
C GLY A 319 14.17 3.62 -18.93
N PRO A 320 13.08 3.86 -18.20
CA PRO A 320 11.77 3.28 -18.51
C PRO A 320 11.36 3.48 -19.94
N PHE A 321 11.46 4.72 -20.40
CA PHE A 321 11.07 5.08 -21.74
C PHE A 321 12.17 4.74 -22.79
N GLY A 322 13.16 3.90 -22.46
CA GLY A 322 14.11 3.43 -23.45
C GLY A 322 13.40 2.55 -24.50
N PRO A 323 13.74 2.72 -25.79
CA PRO A 323 13.15 1.78 -26.76
C PRO A 323 13.82 0.39 -26.70
N GLU A 324 14.94 0.30 -25.98
CA GLU A 324 15.64 -0.95 -25.75
C GLU A 324 14.91 -1.79 -24.71
N MET A 325 13.75 -1.33 -24.25
CA MET A 325 12.92 -2.07 -23.30
C MET A 325 12.00 -3.06 -23.97
N THR A 326 11.73 -2.87 -25.25
CA THR A 326 10.93 -3.84 -26.01
C THR A 326 11.48 -5.28 -25.88
N ASN A 327 12.80 -5.43 -26.07
CA ASN A 327 13.44 -6.76 -26.07
C ASN A 327 13.25 -7.52 -24.76
N PRO A 328 13.67 -6.93 -23.62
CA PRO A 328 13.38 -7.53 -22.32
C PRO A 328 11.90 -7.81 -22.07
N LEU A 329 11.01 -6.97 -22.56
CA LEU A 329 9.59 -7.28 -22.41
C LEU A 329 9.21 -8.43 -23.33
N ARG A 330 9.94 -8.56 -24.43
CA ARG A 330 9.77 -9.70 -25.31
C ARG A 330 10.22 -10.97 -24.58
N GLU A 331 11.46 -10.96 -24.10
CA GLU A 331 12.00 -12.10 -23.40
C GLU A 331 11.04 -12.55 -22.33
N ILE A 332 10.52 -11.62 -21.52
CA ILE A 332 9.63 -11.98 -20.43
C ILE A 332 8.39 -12.62 -21.00
N ASP A 333 7.86 -12.07 -22.11
CA ASP A 333 6.63 -12.63 -22.67
C ASP A 333 6.84 -14.02 -23.23
N LYS A 334 8.04 -14.32 -23.70
CA LYS A 334 8.39 -15.68 -24.11
C LYS A 334 8.32 -16.62 -22.89
N ILE A 335 8.89 -16.22 -21.76
CA ILE A 335 8.92 -17.10 -20.57
C ILE A 335 7.50 -17.38 -20.09
N VAL A 336 6.63 -16.38 -20.12
CA VAL A 336 5.25 -16.59 -19.76
C VAL A 336 4.70 -17.65 -20.69
N GLY A 337 4.87 -17.42 -22.00
CA GLY A 337 4.56 -18.40 -23.07
C GLY A 337 4.97 -19.85 -22.80
N GLN A 338 6.26 -20.06 -22.54
CA GLN A 338 6.71 -21.34 -22.06
C GLN A 338 5.76 -21.82 -20.99
N LEU A 339 5.60 -21.05 -19.92
CA LEU A 339 4.76 -21.48 -18.81
C LEU A 339 3.35 -21.81 -19.24
N MET A 340 2.71 -20.92 -19.96
CA MET A 340 1.31 -21.20 -20.36
C MET A 340 1.20 -22.33 -21.41
N ASP A 341 2.18 -22.44 -22.32
CA ASP A 341 2.29 -23.65 -23.15
C ASP A 341 2.45 -24.86 -22.23
N GLY A 342 3.42 -24.75 -21.32
CA GLY A 342 3.77 -25.81 -20.37
C GLY A 342 2.59 -26.34 -19.58
N LEU A 343 1.69 -25.46 -19.15
CA LEU A 343 0.51 -25.88 -18.39
C LEU A 343 -0.42 -26.69 -19.29
N LYS A 344 -0.75 -26.12 -20.45
CA LYS A 344 -1.58 -26.74 -21.51
C LYS A 344 -1.13 -28.18 -21.78
N GLN A 345 0.15 -28.30 -22.00
CA GLN A 345 0.78 -29.60 -22.18
C GLN A 345 0.42 -30.57 -21.06
N LEU A 346 0.38 -30.11 -19.81
CA LEU A 346 0.00 -30.98 -18.72
C LEU A 346 -1.49 -30.97 -18.49
N LYS A 347 -2.25 -30.36 -19.39
CA LYS A 347 -3.71 -30.24 -19.22
C LYS A 347 -4.15 -29.46 -17.97
N LEU A 348 -3.29 -28.55 -17.48
CA LEU A 348 -3.52 -27.76 -16.25
C LEU A 348 -3.87 -26.29 -16.53
N HIS A 349 -3.75 -25.90 -17.80
CA HIS A 349 -4.03 -24.56 -18.29
C HIS A 349 -5.46 -24.07 -18.06
N ARG A 350 -6.34 -24.92 -17.56
CA ARG A 350 -7.66 -24.48 -17.08
C ARG A 350 -7.91 -25.00 -15.63
N CYS A 351 -6.82 -25.25 -14.90
CA CYS A 351 -6.85 -25.69 -13.48
C CYS A 351 -6.28 -24.57 -12.59
N VAL A 352 -5.03 -24.19 -12.89
CA VAL A 352 -4.20 -23.29 -12.13
C VAL A 352 -4.67 -21.86 -12.23
N ASN A 353 -4.76 -21.12 -11.11
CA ASN A 353 -4.88 -19.65 -11.16
C ASN A 353 -3.47 -19.04 -11.31
N VAL A 354 -3.28 -18.12 -12.27
CA VAL A 354 -1.99 -17.44 -12.44
C VAL A 354 -2.08 -15.98 -12.02
N ILE A 355 -1.04 -15.54 -11.31
CA ILE A 355 -0.93 -14.14 -10.98
C ILE A 355 0.34 -13.61 -11.62
N PHE A 356 0.15 -12.61 -12.45
CA PHE A 356 1.24 -11.89 -13.02
C PHE A 356 1.27 -10.57 -12.23
N VAL A 357 2.41 -10.26 -11.65
CA VAL A 357 2.48 -9.22 -10.63
C VAL A 357 3.89 -8.62 -10.52
N GLY A 358 3.95 -7.29 -10.51
CA GLY A 358 5.21 -6.55 -10.32
C GLY A 358 5.41 -6.02 -8.87
N ASP A 359 6.66 -5.64 -8.57
CA ASP A 359 7.00 -5.13 -7.25
C ASP A 359 7.15 -3.62 -7.18
N HIS A 360 7.40 -2.98 -8.32
CA HIS A 360 7.53 -1.55 -8.46
C HIS A 360 7.70 -1.13 -9.92
N GLY A 361 7.45 0.14 -10.21
CA GLY A 361 7.75 0.73 -11.51
C GLY A 361 9.23 1.14 -11.64
N MET A 362 9.47 2.23 -12.36
CA MET A 362 10.82 2.65 -12.73
C MET A 362 10.74 4.06 -13.29
N GLU A 363 11.79 4.84 -13.12
CA GLU A 363 11.71 6.25 -13.47
C GLU A 363 13.03 6.65 -14.05
N ASP A 364 12.99 7.67 -14.91
CA ASP A 364 14.19 8.32 -15.39
C ASP A 364 15.09 8.88 -14.30
N VAL A 365 16.32 8.39 -14.21
CA VAL A 365 17.33 8.93 -13.29
C VAL A 365 18.77 8.77 -13.81
N THR A 366 19.47 9.89 -13.96
CA THR A 366 20.84 9.95 -14.50
C THR A 366 21.82 10.56 -13.51
N CYS A 367 23.09 10.14 -13.61
CA CYS A 367 24.21 10.63 -12.76
C CYS A 367 24.09 12.12 -12.30
N ASP A 368 24.19 13.06 -13.23
CA ASP A 368 24.17 14.53 -12.92
C ASP A 368 23.03 15.11 -12.04
N ARG A 369 21.85 14.47 -11.99
CA ARG A 369 20.72 14.96 -11.16
C ARG A 369 20.81 14.38 -9.76
N THR A 370 21.96 14.58 -9.12
CA THR A 370 22.26 14.13 -7.76
C THR A 370 22.52 15.35 -6.88
N GLU A 371 21.73 15.51 -5.81
CA GLU A 371 22.02 16.49 -4.78
C GLU A 371 23.08 15.88 -3.89
N PHE A 372 24.01 16.69 -3.38
CA PHE A 372 25.00 16.17 -2.43
C PHE A 372 24.81 16.86 -1.10
N LEU A 373 24.66 16.06 -0.05
CA LEU A 373 24.57 16.59 1.31
C LEU A 373 25.74 17.55 1.60
N SER A 374 26.93 17.17 1.12
CA SER A 374 28.16 17.96 1.33
C SER A 374 27.98 19.44 1.02
N ASN A 375 27.09 19.74 0.09
CA ASN A 375 26.67 21.10 -0.20
C ASN A 375 25.80 21.75 0.87
N TYR A 376 25.20 20.99 1.78
CA TYR A 376 24.33 21.57 2.82
C TYR A 376 24.98 21.57 4.23
N LEU A 377 25.76 20.52 4.53
CA LEU A 377 26.26 20.25 5.87
C LEU A 377 27.78 20.40 5.99
N THR A 378 28.22 20.73 7.19
CA THR A 378 29.61 20.98 7.45
C THR A 378 30.27 19.64 7.69
N ASN A 379 30.11 19.11 8.89
CA ASN A 379 30.55 17.77 9.21
C ASN A 379 29.59 16.77 8.56
N VAL A 380 29.90 16.40 7.33
CA VAL A 380 29.17 15.35 6.63
C VAL A 380 29.85 13.96 6.75
N ASP A 381 31.12 13.94 7.14
CA ASP A 381 31.80 12.68 7.49
C ASP A 381 31.30 12.19 8.84
N ASP A 382 30.60 13.05 9.58
CA ASP A 382 29.96 12.67 10.84
C ASP A 382 28.71 11.78 10.67
N ILE A 383 28.25 11.57 9.43
CA ILE A 383 26.98 10.84 9.21
C ILE A 383 27.00 9.64 8.26
N THR A 384 26.05 8.75 8.46
CA THR A 384 25.85 7.65 7.57
C THR A 384 24.55 7.96 6.83
N LEU A 385 24.65 8.07 5.50
CA LEU A 385 23.50 8.22 4.64
C LEU A 385 23.23 6.93 3.87
N VAL A 386 22.05 6.34 4.05
CA VAL A 386 21.51 5.44 3.01
C VAL A 386 21.05 6.34 1.85
N PRO A 387 21.74 6.29 0.70
CA PRO A 387 21.46 7.21 -0.41
C PRO A 387 20.50 6.66 -1.45
N GLY A 388 20.20 7.50 -2.44
CA GLY A 388 19.44 7.09 -3.62
C GLY A 388 18.18 7.90 -3.86
N THR A 389 17.11 7.19 -4.17
CA THR A 389 15.80 7.75 -4.43
C THR A 389 15.04 7.93 -3.11
N LEU A 390 15.75 7.66 -2.03
CA LEU A 390 15.36 8.04 -0.69
C LEU A 390 16.62 8.28 0.14
N GLY A 391 16.48 9.03 1.23
CA GLY A 391 17.58 9.22 2.15
C GLY A 391 17.27 8.69 3.54
N ARG A 392 18.28 8.12 4.20
CA ARG A 392 18.20 7.84 5.63
C ARG A 392 19.52 8.15 6.31
N ILE A 393 19.43 8.95 7.37
CA ILE A 393 20.60 9.48 8.05
C ILE A 393 20.53 9.05 9.49
N ARG A 394 21.67 8.61 9.99
CA ARG A 394 21.90 8.57 11.42
C ARG A 394 23.35 8.95 11.71
N SER A 395 23.66 9.04 12.99
CA SER A 395 25.02 9.24 13.49
C SER A 395 25.96 8.06 13.19
N LYS A 396 27.23 8.37 12.88
CA LYS A 396 28.28 7.35 12.69
C LYS A 396 28.60 6.44 13.93
N PHE A 397 29.06 7.02 15.05
CA PHE A 397 29.42 6.22 16.25
C PHE A 397 28.20 5.67 16.98
N ASP A 404 23.82 16.62 15.70
CA ASP A 404 22.58 17.12 16.32
C ASP A 404 21.39 16.95 15.34
N PRO A 405 20.37 16.14 15.71
CA PRO A 405 19.35 15.81 14.71
C PRO A 405 18.61 17.03 14.18
N LYS A 406 18.05 17.82 15.09
CA LYS A 406 17.34 19.07 14.77
C LYS A 406 18.14 20.03 13.89
N ALA A 407 19.45 20.09 14.07
CA ALA A 407 20.28 21.01 13.30
C ALA A 407 20.58 20.47 11.91
N ILE A 408 20.46 19.16 11.74
CA ILE A 408 20.70 18.59 10.43
C ILE A 408 19.44 18.76 9.60
N ILE A 409 18.30 18.36 10.17
CA ILE A 409 17.01 18.63 9.57
C ILE A 409 17.01 20.10 9.10
N ALA A 410 17.24 20.99 10.04
CA ALA A 410 17.13 22.41 9.74
C ALA A 410 18.22 22.87 8.75
N ASN A 411 19.41 22.27 8.80
CA ASN A 411 20.46 22.60 7.83
C ASN A 411 20.08 22.21 6.38
N LEU A 412 19.07 21.33 6.26
CA LEU A 412 18.55 20.86 4.98
C LEU A 412 17.16 21.38 4.64
N THR A 413 16.55 22.17 5.52
CA THR A 413 15.20 22.71 5.30
C THR A 413 15.17 23.92 4.32
N CYS A 414 14.73 23.68 3.09
CA CYS A 414 14.36 24.74 2.17
C CYS A 414 15.46 25.66 1.81
N LYS A 415 16.65 25.16 1.49
CA LYS A 415 17.79 26.07 1.21
C LYS A 415 17.96 26.52 -0.25
N LYS A 416 17.31 25.86 -1.22
CA LYS A 416 17.24 26.33 -2.63
C LYS A 416 15.78 26.40 -3.04
N PRO A 417 15.45 27.27 -4.00
CA PRO A 417 14.06 27.27 -4.50
C PRO A 417 13.65 25.98 -5.26
N ASP A 418 14.63 25.32 -5.88
CA ASP A 418 14.37 24.15 -6.72
C ASP A 418 14.94 22.88 -6.09
N GLN A 419 15.07 22.89 -4.75
CA GLN A 419 15.64 21.76 -3.99
C GLN A 419 14.90 20.46 -4.27
N HIS A 420 15.64 19.39 -4.59
CA HIS A 420 14.98 18.16 -5.06
C HIS A 420 14.85 17.09 -3.99
N PHE A 421 14.67 17.54 -2.75
CA PHE A 421 14.30 16.70 -1.63
C PHE A 421 13.83 17.49 -0.42
N LYS A 422 13.23 16.79 0.53
CA LYS A 422 12.77 17.40 1.74
C LYS A 422 13.06 16.51 2.95
N PRO A 423 13.57 17.10 4.03
CA PRO A 423 13.79 16.33 5.29
C PRO A 423 12.54 16.19 6.15
N TYR A 424 12.51 15.13 6.95
CA TYR A 424 11.38 14.82 7.81
C TYR A 424 11.86 14.08 9.01
N LEU A 425 11.23 14.35 10.14
CA LEU A 425 11.31 13.43 11.22
C LEU A 425 10.32 12.36 10.82
N LYS A 426 10.82 11.14 10.71
CA LYS A 426 10.00 10.02 10.31
C LYS A 426 8.54 10.10 10.78
N GLN A 427 8.29 10.50 12.02
CA GLN A 427 6.91 10.60 12.53
C GLN A 427 6.15 11.76 11.87
N HIS A 428 6.90 12.58 11.14
CA HIS A 428 6.33 13.67 10.39
C HIS A 428 6.09 13.38 8.89
N LEU A 429 6.54 12.22 8.41
CA LEU A 429 6.20 11.78 7.03
C LEU A 429 4.69 11.57 6.94
N PRO A 430 4.14 11.74 5.73
CA PRO A 430 2.73 11.55 5.50
C PRO A 430 2.31 10.17 5.95
N LYS A 431 1.26 10.13 6.77
CA LYS A 431 0.76 8.89 7.30
C LYS A 431 0.47 7.77 6.26
N ARG A 432 -0.15 8.08 5.12
CA ARG A 432 -0.35 7.07 4.02
C ARG A 432 0.89 6.22 3.75
N LEU A 433 2.08 6.74 4.03
CA LEU A 433 3.31 5.92 3.90
C LEU A 433 3.49 4.87 4.99
N HIS A 434 2.85 5.05 6.15
CA HIS A 434 3.03 4.16 7.29
C HIS A 434 4.48 3.74 7.41
N TYR A 435 5.39 4.70 7.52
CA TYR A 435 6.81 4.39 7.53
C TYR A 435 7.56 5.08 8.70
N ALA A 436 7.36 4.52 9.90
CA ALA A 436 8.02 5.05 11.11
C ALA A 436 8.12 4.06 12.26
N ASN A 437 7.24 3.07 12.32
CA ASN A 437 7.16 2.20 13.48
C ASN A 437 8.05 0.97 13.46
N ASN A 438 9.33 1.19 13.31
CA ASN A 438 10.24 0.13 13.40
C ASN A 438 11.53 0.77 13.72
N ARG A 439 12.24 0.14 14.66
CA ARG A 439 13.51 0.65 15.17
C ARG A 439 14.61 0.66 14.12
N ARG A 440 14.34 0.13 12.94
CA ARG A 440 15.32 0.17 11.84
C ARG A 440 15.06 1.35 10.92
N ILE A 441 14.02 2.14 11.23
CA ILE A 441 13.74 3.37 10.47
C ILE A 441 14.37 4.55 11.20
N GLU A 442 15.37 5.14 10.57
CA GLU A 442 16.06 6.29 11.14
C GLU A 442 15.08 7.44 11.24
N ASP A 443 15.07 8.12 12.40
CA ASP A 443 14.27 9.33 12.62
C ASP A 443 14.44 10.33 11.48
N ILE A 444 15.68 10.57 11.09
CA ILE A 444 15.92 11.47 9.97
C ILE A 444 15.66 10.76 8.64
N HIS A 445 14.71 11.33 7.89
CA HIS A 445 14.37 10.83 6.56
C HIS A 445 14.17 11.93 5.54
N LEU A 446 14.63 11.65 4.32
CA LEU A 446 14.51 12.54 3.18
C LEU A 446 13.57 11.94 2.13
N LEU A 447 12.55 12.66 1.71
CA LEU A 447 11.84 12.28 0.47
C LEU A 447 12.48 12.94 -0.76
N VAL A 448 13.21 12.18 -1.57
CA VAL A 448 13.72 12.74 -2.84
C VAL A 448 12.59 13.00 -3.85
N GLU A 449 12.83 13.97 -4.74
CA GLU A 449 11.89 14.35 -5.79
C GLU A 449 11.93 13.37 -6.95
N ARG A 450 10.77 13.03 -7.50
CA ARG A 450 10.79 12.13 -8.66
C ARG A 450 11.82 12.61 -9.66
N ARG A 451 12.61 11.68 -10.15
CA ARG A 451 13.60 11.86 -11.20
C ARG A 451 14.98 12.28 -10.67
N TRP A 452 15.09 12.37 -9.34
CA TRP A 452 16.32 12.85 -8.69
C TRP A 452 17.00 11.79 -7.85
N HIS A 453 18.21 12.13 -7.43
CA HIS A 453 19.00 11.33 -6.49
C HIS A 453 19.57 12.24 -5.38
N VAL A 454 19.91 11.65 -4.23
CA VAL A 454 20.59 12.36 -3.15
C VAL A 454 21.75 11.55 -2.63
N ALA A 455 22.97 12.08 -2.71
CA ALA A 455 24.16 11.40 -2.12
C ALA A 455 24.79 12.17 -0.97
N ARG A 456 25.78 11.54 -0.37
CA ARG A 456 26.56 12.18 0.66
C ARG A 456 27.59 13.15 0.06
N LYS A 457 28.46 12.70 -0.85
CA LYS A 457 29.54 13.53 -1.40
C LYS A 457 29.73 13.22 -2.89
N PRO A 458 30.44 14.10 -3.65
CA PRO A 458 30.82 13.71 -5.04
C PRO A 458 32.19 13.05 -5.12
N PHE A 470 26.51 5.53 -16.44
CA PHE A 470 26.25 4.12 -16.18
C PHE A 470 24.74 3.78 -16.27
N PHE A 471 23.96 4.35 -15.36
CA PHE A 471 22.54 4.04 -15.24
C PHE A 471 21.65 5.22 -15.69
N GLN A 472 20.42 4.93 -16.10
CA GLN A 472 19.49 5.96 -16.57
C GLN A 472 18.09 5.85 -16.01
N GLY A 473 17.84 4.83 -15.20
CA GLY A 473 16.56 4.65 -14.51
C GLY A 473 16.76 4.18 -13.07
N ASP A 474 15.77 4.46 -12.22
CA ASP A 474 15.76 3.98 -10.84
C ASP A 474 14.35 4.14 -10.20
N HIS A 475 14.21 3.80 -8.92
CA HIS A 475 12.91 3.80 -8.30
C HIS A 475 13.17 3.73 -6.82
N GLY A 476 12.10 3.74 -6.02
CA GLY A 476 12.20 3.91 -4.57
C GLY A 476 11.45 5.14 -4.05
N PHE A 477 11.13 6.06 -4.94
CA PHE A 477 10.41 7.26 -4.60
C PHE A 477 9.04 6.99 -4.01
N ASP A 478 8.54 7.99 -3.26
CA ASP A 478 7.12 8.04 -2.90
C ASP A 478 6.29 7.16 -3.82
N ASN A 479 5.51 6.29 -3.18
CA ASN A 479 4.61 5.36 -3.86
C ASN A 479 3.29 5.96 -4.42
N LYS A 480 3.19 7.27 -4.55
CA LYS A 480 2.00 7.85 -5.20
C LYS A 480 2.34 8.48 -6.54
N VAL A 481 3.63 8.55 -6.82
CA VAL A 481 4.22 8.92 -8.10
C VAL A 481 3.84 7.92 -9.20
N ASN A 482 3.43 8.42 -10.37
CA ASN A 482 2.93 7.50 -11.39
C ASN A 482 3.99 6.54 -11.94
N SER A 483 5.24 6.97 -12.01
CA SER A 483 6.31 6.12 -12.48
C SER A 483 6.65 4.93 -11.56
N MET A 484 6.16 4.97 -10.33
CA MET A 484 6.40 3.89 -9.40
C MET A 484 5.33 2.84 -9.44
N GLN A 485 4.20 3.10 -10.11
CA GLN A 485 3.12 2.09 -10.09
C GLN A 485 3.46 0.81 -10.91
N THR A 486 2.75 -0.26 -10.62
CA THR A 486 3.15 -1.53 -11.16
C THR A 486 1.88 -2.27 -11.51
N VAL A 487 2.00 -3.58 -11.71
CA VAL A 487 1.00 -4.40 -12.40
C VAL A 487 0.45 -5.52 -11.56
N PHE A 488 -0.84 -5.77 -11.75
CA PHE A 488 -1.47 -7.00 -11.34
C PHE A 488 -2.35 -7.58 -12.45
N VAL A 489 -2.35 -8.91 -12.55
CA VAL A 489 -3.28 -9.63 -13.41
C VAL A 489 -3.63 -10.96 -12.78
N GLY A 490 -4.94 -11.22 -12.66
CA GLY A 490 -5.48 -12.54 -12.25
C GLY A 490 -6.22 -13.31 -13.36
N TYR A 491 -5.82 -14.56 -13.57
CA TYR A 491 -6.37 -15.37 -14.64
C TYR A 491 -6.54 -16.80 -14.18
N GLY A 492 -7.77 -17.22 -14.07
CA GLY A 492 -8.06 -18.58 -13.72
C GLY A 492 -9.49 -18.78 -13.35
N SER A 493 -9.75 -19.94 -12.81
CA SER A 493 -11.08 -20.35 -12.51
C SER A 493 -11.70 -19.54 -11.41
N THR A 494 -10.88 -19.06 -10.49
CA THR A 494 -11.41 -18.37 -9.35
C THR A 494 -11.50 -16.91 -9.67
N PHE A 495 -10.59 -16.47 -10.50
CA PHE A 495 -10.66 -15.11 -10.93
C PHE A 495 -11.86 -14.88 -11.79
N LYS A 496 -12.11 -13.63 -12.16
CA LYS A 496 -13.19 -13.30 -13.07
C LYS A 496 -12.74 -13.32 -14.53
N TYR A 497 -13.74 -13.32 -15.42
CA TYR A 497 -13.56 -13.40 -16.89
C TYR A 497 -13.56 -12.01 -17.48
N LYS A 498 -12.47 -11.65 -18.15
CA LYS A 498 -12.38 -10.38 -18.89
C LYS A 498 -12.99 -9.23 -18.09
N THR A 499 -12.49 -9.04 -16.88
CA THR A 499 -13.05 -8.03 -16.02
C THR A 499 -11.98 -7.04 -15.61
N LYS A 500 -12.36 -5.76 -15.64
CA LYS A 500 -11.48 -4.68 -15.23
C LYS A 500 -11.84 -4.18 -13.82
N VAL A 501 -10.83 -4.12 -12.95
CA VAL A 501 -11.10 -3.60 -11.63
C VAL A 501 -10.20 -2.42 -11.29
N PRO A 502 -10.74 -1.47 -10.52
CA PRO A 502 -9.98 -0.28 -10.18
C PRO A 502 -8.68 -0.60 -9.47
N PRO A 503 -7.63 0.19 -9.71
CA PRO A 503 -6.36 0.01 -9.04
C PRO A 503 -6.47 -0.10 -7.51
N PHE A 504 -5.45 -0.68 -6.90
CA PHE A 504 -5.47 -1.06 -5.50
C PHE A 504 -4.02 -1.25 -5.05
N GLU A 505 -3.81 -1.39 -3.75
CA GLU A 505 -2.45 -1.50 -3.24
C GLU A 505 -2.11 -2.96 -2.99
N ASN A 506 -0.86 -3.32 -3.26
CA ASN A 506 -0.31 -4.65 -2.99
C ASN A 506 -0.50 -5.24 -1.58
N ILE A 507 -0.83 -4.42 -0.59
CA ILE A 507 -1.04 -5.00 0.77
C ILE A 507 -2.34 -5.77 0.80
N GLU A 508 -3.16 -5.64 -0.25
CA GLU A 508 -4.42 -6.36 -0.32
C GLU A 508 -4.31 -7.75 -0.90
N LEU A 509 -3.26 -8.05 -1.66
CA LEU A 509 -3.11 -9.35 -2.30
C LEU A 509 -3.07 -10.58 -1.36
N TYR A 510 -2.49 -10.43 -0.16
CA TYR A 510 -2.28 -11.57 0.77
C TYR A 510 -3.59 -12.27 1.02
N ASN A 511 -4.56 -11.51 1.51
CA ASN A 511 -5.89 -12.02 1.78
C ASN A 511 -6.42 -12.83 0.61
N VAL A 512 -6.35 -12.20 -0.57
CA VAL A 512 -6.85 -12.80 -1.79
C VAL A 512 -6.20 -14.18 -1.96
N MET A 513 -4.87 -14.21 -1.97
CA MET A 513 -4.18 -15.44 -2.28
C MET A 513 -4.52 -16.49 -1.24
N CYS A 514 -4.77 -16.05 -0.01
CA CYS A 514 -5.23 -16.98 1.00
C CYS A 514 -6.61 -17.50 0.61
N ASP A 515 -7.48 -16.63 0.12
CA ASP A 515 -8.81 -17.05 -0.34
C ASP A 515 -8.65 -18.08 -1.45
N LEU A 516 -7.84 -17.73 -2.44
CA LEU A 516 -7.59 -18.63 -3.57
CA LEU A 516 -7.56 -18.64 -3.57
C LEU A 516 -7.08 -20.00 -3.12
N LEU A 517 -6.66 -20.11 -1.87
CA LEU A 517 -6.13 -21.36 -1.31
C LEU A 517 -6.92 -21.86 -0.12
N GLY A 518 -8.12 -21.32 0.11
CA GLY A 518 -8.90 -21.71 1.30
C GLY A 518 -8.02 -21.69 2.54
N LEU A 519 -7.22 -20.64 2.67
CA LEU A 519 -6.39 -20.50 3.86
C LEU A 519 -6.88 -19.35 4.72
N LYS A 520 -6.98 -19.59 6.02
CA LYS A 520 -7.20 -18.48 6.99
C LYS A 520 -5.96 -17.55 6.96
N PRO A 521 -6.13 -16.27 6.55
CA PRO A 521 -5.00 -15.33 6.62
C PRO A 521 -4.58 -14.92 8.06
N ALA A 522 -3.28 -14.78 8.25
CA ALA A 522 -2.76 -14.26 9.48
C ALA A 522 -3.12 -12.79 9.52
N PRO A 523 -3.06 -12.19 10.72
CA PRO A 523 -3.35 -10.79 10.84
C PRO A 523 -2.43 -9.94 9.95
N ASN A 524 -3.02 -9.07 9.15
CA ASN A 524 -2.26 -8.22 8.26
C ASN A 524 -2.96 -6.86 8.03
N ASN A 525 -2.30 -5.99 7.26
CA ASN A 525 -2.81 -4.63 6.96
C ASN A 525 -3.75 -4.51 5.78
N GLY A 526 -4.03 -5.62 5.10
CA GLY A 526 -5.05 -5.65 4.05
C GLY A 526 -6.40 -5.60 4.71
N THR A 527 -7.39 -5.08 4.00
CA THR A 527 -8.75 -5.03 4.53
C THR A 527 -9.52 -6.11 3.80
N HIS A 528 -9.85 -7.21 4.48
CA HIS A 528 -10.40 -8.41 3.84
C HIS A 528 -11.78 -8.13 3.28
N GLY A 529 -11.93 -8.30 1.96
CA GLY A 529 -13.24 -8.08 1.28
C GLY A 529 -13.21 -6.92 0.33
N SER A 530 -12.15 -6.12 0.41
CA SER A 530 -11.91 -5.05 -0.53
C SER A 530 -11.64 -5.57 -1.94
N LEU A 531 -11.16 -6.79 -2.05
CA LEU A 531 -10.86 -7.35 -3.35
C LEU A 531 -11.63 -8.62 -3.66
N ASN A 532 -12.79 -8.80 -3.03
CA ASN A 532 -13.72 -9.88 -3.39
C ASN A 532 -14.21 -9.72 -4.80
N HIS A 533 -14.37 -8.47 -5.23
CA HIS A 533 -14.77 -8.14 -6.59
C HIS A 533 -13.80 -8.63 -7.66
N LEU A 534 -12.66 -9.23 -7.31
CA LEU A 534 -11.80 -9.85 -8.33
C LEU A 534 -12.15 -11.31 -8.63
N LEU A 535 -13.05 -11.88 -7.85
CA LEU A 535 -13.25 -13.32 -7.83
C LEU A 535 -14.67 -13.79 -8.15
N ARG A 536 -14.72 -14.92 -8.86
CA ARG A 536 -15.95 -15.55 -9.30
C ARG A 536 -16.81 -15.86 -8.08
N THR A 537 -16.24 -16.64 -7.16
CA THR A 537 -16.86 -16.95 -5.85
C THR A 537 -16.00 -16.45 -4.71
N ASN A 538 -16.64 -16.31 -3.55
CA ASN A 538 -15.97 -15.83 -2.37
C ASN A 538 -16.37 -16.68 -1.19
N THR A 539 -15.44 -17.48 -0.68
CA THR A 539 -15.65 -18.19 0.61
C THR A 539 -15.75 -17.18 1.77
N PHE A 540 -15.02 -16.07 1.69
CA PHE A 540 -15.01 -15.01 2.74
C PHE A 540 -16.02 -13.87 2.55
N ARG A 541 -17.04 -13.82 3.41
CA ARG A 541 -18.10 -12.83 3.33
C ARG A 541 -17.95 -11.87 4.51
N PRO A 542 -17.44 -10.66 4.25
CA PRO A 542 -17.09 -9.80 5.36
C PRO A 542 -18.30 -9.30 6.14
N THR A 543 -18.09 -8.92 7.38
CA THR A 543 -19.16 -8.40 8.23
C THR A 543 -18.63 -7.14 8.95
N MET A 544 -19.55 -6.31 9.37
CA MET A 544 -19.21 -5.00 9.87
C MET A 544 -18.82 -5.20 11.32
N PRO A 545 -17.84 -4.42 11.83
CA PRO A 545 -17.52 -4.55 13.26
C PRO A 545 -18.70 -4.13 14.15
N GLU A 546 -18.90 -4.88 15.23
CA GLU A 546 -19.88 -4.55 16.25
C GLU A 546 -19.43 -3.27 16.90
N GLU A 547 -20.35 -2.35 17.12
CA GLU A 547 -20.02 -1.17 17.90
C GLU A 547 -19.62 -1.55 19.32
N VAL A 548 -18.68 -0.83 19.91
CA VAL A 548 -18.18 -1.16 21.24
C VAL A 548 -18.87 -0.31 22.31
N THR A 549 -18.70 1.01 22.25
CA THR A 549 -19.45 1.90 23.16
C THR A 549 -20.59 2.58 22.44
N ARG A 550 -21.78 2.52 23.06
CA ARG A 550 -22.99 3.16 22.55
C ARG A 550 -22.94 4.65 22.86
N PRO A 551 -23.56 5.46 22.00
CA PRO A 551 -23.61 6.90 22.26
C PRO A 551 -24.58 7.29 23.35
N ASN A 552 -24.31 8.41 24.00
CA ASN A 552 -25.31 9.10 24.81
C ASN A 552 -25.98 10.19 23.96
N TYR A 553 -27.24 10.49 24.24
CA TYR A 553 -27.91 11.62 23.60
C TYR A 553 -28.42 12.65 24.64
N PRO A 554 -27.49 13.42 25.26
CA PRO A 554 -27.84 14.42 26.32
C PRO A 554 -28.85 15.50 25.93
N GLY A 555 -29.66 15.92 26.91
CA GLY A 555 -30.50 17.13 26.82
C GLY A 555 -30.08 18.16 27.86
N ILE A 556 -30.71 19.33 27.84
CA ILE A 556 -30.27 20.46 28.66
C ILE A 556 -30.33 20.09 30.15
N MET A 557 -29.19 19.79 30.76
CA MET A 557 -29.21 19.51 32.18
C MET A 557 -28.69 20.67 32.97
N TYR A 558 -27.58 21.22 32.52
CA TYR A 558 -26.81 22.21 33.32
C TYR A 558 -27.24 23.66 33.05
N LEU A 559 -26.69 24.62 33.82
CA LEU A 559 -26.98 26.04 33.64
C LEU A 559 -25.67 26.88 33.61
N GLN A 560 -25.59 27.84 32.69
CA GLN A 560 -24.32 28.52 32.33
C GLN A 560 -23.48 29.04 33.51
N SER A 561 -24.13 29.27 34.65
CA SER A 561 -23.47 29.70 35.87
C SER A 561 -22.63 28.58 36.50
N ASP A 562 -22.97 27.34 36.17
CA ASP A 562 -22.24 26.15 36.66
C ASP A 562 -20.81 26.08 36.08
N PHE A 563 -20.56 26.81 35.00
CA PHE A 563 -19.28 26.73 34.31
C PHE A 563 -18.27 27.76 34.79
N ASP A 564 -17.06 27.69 34.25
CA ASP A 564 -15.91 28.45 34.73
C ASP A 564 -14.86 28.51 33.61
N LEU A 565 -15.26 29.06 32.45
CA LEU A 565 -14.48 28.97 31.19
C LEU A 565 -13.28 29.95 31.09
N GLY A 566 -13.55 31.22 30.78
CA GLY A 566 -12.51 32.26 30.72
C GLY A 566 -12.56 33.12 29.48
N THR A 592 -31.87 16.85 10.56
CA THR A 592 -30.48 17.19 10.89
C THR A 592 -29.53 16.07 10.45
N GLU A 593 -29.82 14.84 10.88
CA GLU A 593 -29.13 13.66 10.33
C GLU A 593 -29.50 13.46 8.86
N GLU A 594 -30.69 13.94 8.49
CA GLU A 594 -31.09 13.94 7.10
C GLU A 594 -30.07 14.73 6.31
N ARG A 595 -29.69 15.90 6.81
CA ARG A 595 -28.80 16.81 6.07
C ARG A 595 -27.28 16.61 6.35
N HIS A 596 -26.91 16.29 7.58
CA HIS A 596 -25.51 16.39 8.02
C HIS A 596 -24.85 15.05 8.32
N LEU A 597 -25.61 13.96 8.22
CA LEU A 597 -25.13 12.69 8.68
C LEU A 597 -25.68 11.61 7.75
N LEU A 598 -25.13 11.64 6.54
CA LEU A 598 -25.72 10.95 5.39
C LEU A 598 -25.38 9.49 5.27
N TYR A 599 -24.44 8.97 6.08
CA TYR A 599 -24.02 7.56 5.96
C TYR A 599 -24.03 6.88 7.32
N GLY A 600 -24.87 7.39 8.21
CA GLY A 600 -24.98 6.85 9.54
C GLY A 600 -23.81 7.34 10.34
N ARG A 601 -23.98 7.29 11.65
CA ARG A 601 -22.96 7.77 12.56
C ARG A 601 -21.77 6.82 12.56
N PRO A 602 -20.54 7.34 12.74
CA PRO A 602 -19.45 6.41 12.90
C PRO A 602 -19.67 5.54 14.13
N ALA A 603 -19.14 4.32 14.08
CA ALA A 603 -19.24 3.41 15.19
C ALA A 603 -17.92 3.48 15.90
N VAL A 604 -18.00 3.65 17.23
CA VAL A 604 -16.82 3.79 18.08
C VAL A 604 -16.38 2.39 18.46
N LEU A 605 -15.15 2.05 18.09
CA LEU A 605 -14.71 0.66 18.22
C LEU A 605 -13.86 0.44 19.45
N TYR A 606 -13.99 1.31 20.44
CA TYR A 606 -13.23 1.16 21.67
C TYR A 606 -14.07 1.61 22.85
N ARG A 607 -13.53 1.45 24.05
CA ARG A 607 -14.21 1.83 25.26
C ARG A 607 -13.87 3.26 25.68
N THR A 608 -14.84 4.16 25.53
CA THR A 608 -14.82 5.50 26.19
C THR A 608 -16.26 5.89 26.52
N ARG A 609 -16.50 7.17 26.79
CA ARG A 609 -17.85 7.70 26.91
C ARG A 609 -17.92 8.89 25.94
N TYR A 610 -18.99 8.94 25.13
CA TYR A 610 -19.21 10.07 24.22
C TYR A 610 -20.67 10.43 23.99
N ASP A 611 -20.90 11.67 23.56
CA ASP A 611 -22.24 12.19 23.34
C ASP A 611 -22.45 12.57 21.85
N ILE A 612 -23.68 12.42 21.37
CA ILE A 612 -24.08 12.98 20.08
C ILE A 612 -24.70 14.34 20.31
N LEU A 613 -24.29 15.31 19.49
CA LEU A 613 -24.75 16.68 19.61
C LEU A 613 -25.42 17.17 18.33
N TYR A 614 -26.65 17.65 18.48
CA TYR A 614 -27.46 18.06 17.35
C TYR A 614 -27.45 19.57 17.20
N HIS A 615 -27.34 20.02 15.95
CA HIS A 615 -27.34 21.44 15.63
C HIS A 615 -27.92 21.60 14.24
N THR A 616 -28.21 22.84 13.87
CA THR A 616 -28.77 23.14 12.57
C THR A 616 -27.76 22.94 11.45
N ASP A 617 -26.50 23.31 11.70
CA ASP A 617 -25.43 23.23 10.68
C ASP A 617 -24.54 22.00 10.76
N PHE A 618 -24.54 21.31 11.91
CA PHE A 618 -23.61 20.22 12.09
C PHE A 618 -24.03 19.25 13.19
N GLU A 619 -23.46 18.06 13.12
CA GLU A 619 -23.55 17.06 14.18
C GLU A 619 -22.14 16.58 14.58
N SER A 620 -22.00 16.07 15.82
CA SER A 620 -20.72 15.70 16.34
C SER A 620 -20.74 14.54 17.31
N GLY A 621 -19.54 14.04 17.61
CA GLY A 621 -19.35 12.93 18.51
C GLY A 621 -18.41 13.30 19.65
N TYR A 622 -18.93 14.01 20.63
CA TYR A 622 -18.10 14.63 21.63
C TYR A 622 -17.63 13.64 22.73
N SER A 623 -16.32 13.61 22.90
CA SER A 623 -15.66 12.72 23.86
C SER A 623 -15.53 13.39 25.21
N GLU A 624 -16.16 12.80 26.23
CA GLU A 624 -16.01 13.31 27.60
C GLU A 624 -14.65 12.92 28.22
N ILE A 625 -13.89 12.10 27.48
CA ILE A 625 -12.56 11.68 27.89
C ILE A 625 -11.50 12.56 27.29
N PHE A 626 -11.55 12.76 25.98
CA PHE A 626 -10.61 13.62 25.24
C PHE A 626 -11.11 15.08 25.11
N LEU A 627 -12.29 15.34 25.66
CA LEU A 627 -12.79 16.72 25.84
C LEU A 627 -13.05 17.42 24.53
N MET A 628 -13.30 16.66 23.47
CA MET A 628 -13.50 17.22 22.15
C MET A 628 -14.21 16.21 21.27
N PRO A 629 -14.73 16.65 20.12
CA PRO A 629 -15.41 15.68 19.27
C PRO A 629 -14.42 14.70 18.68
N LEU A 630 -14.85 13.47 18.56
CA LEU A 630 -14.10 12.47 17.84
C LEU A 630 -14.34 12.79 16.37
N TRP A 631 -15.57 13.18 16.07
CA TRP A 631 -15.92 13.58 14.75
C TRP A 631 -17.02 14.62 14.70
N THR A 632 -17.03 15.30 13.55
CA THR A 632 -17.93 16.38 13.30
C THR A 632 -18.33 16.26 11.85
N SER A 633 -19.61 15.98 11.62
CA SER A 633 -20.16 15.82 10.28
C SER A 633 -21.12 16.93 9.92
N TYR A 634 -21.03 17.36 8.66
CA TYR A 634 -21.84 18.46 8.14
C TYR A 634 -21.66 18.55 6.64
N THR A 635 -22.67 19.15 5.99
CA THR A 635 -22.79 19.12 4.54
C THR A 635 -22.93 20.54 3.96
N VAL A 636 -22.32 20.74 2.80
CA VAL A 636 -22.23 22.06 2.16
C VAL A 636 -22.73 21.93 0.71
N SER A 637 -23.76 22.70 0.33
CA SER A 637 -24.27 22.65 -1.06
C SER A 637 -23.43 23.48 -2.04
N LYS A 638 -23.45 23.07 -3.31
CA LYS A 638 -22.82 23.80 -4.42
C LYS A 638 -23.04 25.31 -4.40
N GLN A 639 -24.23 25.74 -4.00
CA GLN A 639 -24.59 27.17 -3.98
C GLN A 639 -24.66 27.68 -2.55
N ALA A 640 -23.51 27.90 -1.93
CA ALA A 640 -23.44 28.22 -0.49
C ALA A 640 -22.38 29.27 -0.20
N CYS A 652 -15.19 34.68 21.13
CA CYS A 652 -16.37 34.17 21.80
C CYS A 652 -16.37 32.65 21.89
N VAL A 653 -16.14 32.12 23.09
CA VAL A 653 -16.45 30.71 23.37
C VAL A 653 -17.50 30.72 24.46
N ARG A 654 -18.60 30.04 24.25
CA ARG A 654 -19.62 29.92 25.28
C ARG A 654 -19.80 28.48 25.73
N PRO A 655 -20.43 28.27 26.90
CA PRO A 655 -20.59 26.91 27.36
C PRO A 655 -21.65 26.15 26.61
N ASP A 656 -21.54 24.83 26.63
CA ASP A 656 -22.51 23.92 26.05
C ASP A 656 -23.31 23.28 27.18
N VAL A 657 -24.61 23.58 27.21
CA VAL A 657 -25.45 23.25 28.39
C VAL A 657 -25.73 21.75 28.58
N ARG A 658 -25.32 20.89 27.64
CA ARG A 658 -25.52 19.43 27.77
C ARG A 658 -24.27 18.65 28.29
N VAL A 659 -23.15 19.33 28.50
CA VAL A 659 -21.95 18.63 28.94
C VAL A 659 -21.41 19.19 30.25
N SER A 660 -21.42 18.33 31.29
CA SER A 660 -20.81 18.65 32.57
C SER A 660 -19.50 19.41 32.35
N PRO A 661 -19.29 20.46 33.14
CA PRO A 661 -18.06 21.26 33.01
C PRO A 661 -16.83 20.41 33.21
N SER A 662 -16.95 19.34 33.99
CA SER A 662 -15.81 18.45 34.32
C SER A 662 -15.26 17.81 33.07
N PHE A 663 -16.10 17.73 32.03
CA PHE A 663 -15.76 17.14 30.76
C PHE A 663 -15.94 18.20 29.65
N SER A 664 -15.32 19.35 29.88
CA SER A 664 -15.41 20.52 29.01
C SER A 664 -14.08 21.23 29.13
N GLN A 665 -13.63 21.85 28.04
CA GLN A 665 -12.31 22.47 28.01
C GLN A 665 -12.47 23.79 28.72
N ASN A 666 -11.41 24.60 28.80
CA ASN A 666 -11.50 25.98 29.30
C ASN A 666 -10.54 26.92 28.57
N CYS A 667 -10.97 28.18 28.37
CA CYS A 667 -10.17 29.21 27.70
C CYS A 667 -8.97 29.64 28.58
N LEU A 668 -9.10 29.43 29.90
CA LEU A 668 -8.01 29.79 30.83
C LEU A 668 -6.73 29.06 30.40
N ALA A 669 -6.88 27.77 30.11
CA ALA A 669 -5.78 26.95 29.58
C ALA A 669 -5.12 27.58 28.35
N TYR A 670 -5.94 28.06 27.41
CA TYR A 670 -5.42 28.59 26.16
C TYR A 670 -4.74 29.92 26.37
N LYS A 671 -5.43 30.84 27.05
CA LYS A 671 -4.84 32.14 27.41
C LYS A 671 -3.48 31.90 28.06
N ASN A 672 -3.42 30.95 29.00
CA ASN A 672 -2.14 30.55 29.59
C ASN A 672 -1.12 29.83 28.72
N ASP A 673 -1.48 29.32 27.54
CA ASP A 673 -0.46 28.62 26.73
C ASP A 673 0.32 29.63 25.89
N LYS A 674 1.64 29.61 26.03
CA LYS A 674 2.49 30.46 25.21
C LYS A 674 2.31 30.13 23.71
N GLN A 675 2.28 28.84 23.35
CA GLN A 675 2.18 28.45 21.92
C GLN A 675 0.76 28.10 21.45
N MET A 676 0.04 27.33 22.24
CA MET A 676 -1.20 26.77 21.75
C MET A 676 -2.33 27.79 21.60
N SER A 677 -3.03 27.72 20.46
CA SER A 677 -4.29 28.45 20.25
C SER A 677 -5.47 27.46 20.13
N TYR A 678 -6.60 27.87 19.57
CA TYR A 678 -7.70 26.92 19.31
C TYR A 678 -8.43 27.17 18.01
N GLY A 679 -9.01 26.12 17.46
CA GLY A 679 -9.85 26.25 16.27
C GLY A 679 -11.17 25.53 16.48
N PHE A 680 -12.06 25.67 15.52
CA PHE A 680 -13.35 24.97 15.57
C PHE A 680 -13.42 23.87 14.52
N LEU A 681 -14.14 22.80 14.82
CA LEU A 681 -14.22 21.71 13.86
C LEU A 681 -15.24 22.04 12.77
N PHE A 682 -16.47 22.39 13.16
CA PHE A 682 -17.41 22.97 12.23
C PHE A 682 -17.17 24.45 12.19
N PRO A 683 -16.84 24.99 11.01
CA PRO A 683 -16.44 26.42 10.92
C PRO A 683 -17.56 27.45 11.13
N PRO A 684 -17.31 28.49 11.94
CA PRO A 684 -18.17 29.65 12.02
C PRO A 684 -18.46 30.24 10.67
N TYR A 685 -17.44 30.39 9.83
CA TYR A 685 -17.60 31.11 8.59
C TYR A 685 -18.63 30.47 7.66
N LEU A 686 -18.97 29.19 7.87
CA LEU A 686 -19.94 28.50 7.01
C LEU A 686 -21.31 28.39 7.67
N SER A 687 -21.58 29.26 8.63
CA SER A 687 -22.83 29.22 9.38
C SER A 687 -23.98 29.51 8.43
N SER A 688 -25.21 29.21 8.82
CA SER A 688 -26.34 29.34 7.90
C SER A 688 -27.25 30.53 8.25
N SER A 689 -27.16 31.02 9.47
CA SER A 689 -27.91 32.20 9.87
C SER A 689 -27.22 32.67 11.12
N PRO A 690 -27.07 34.01 11.30
CA PRO A 690 -26.44 34.59 12.49
C PRO A 690 -26.84 33.89 13.80
N GLU A 691 -28.10 33.51 13.90
CA GLU A 691 -28.60 32.68 15.01
C GLU A 691 -27.70 31.43 15.14
N ALA A 692 -27.68 30.63 14.08
CA ALA A 692 -26.91 29.39 14.04
C ALA A 692 -25.42 29.52 14.42
N LYS A 693 -24.73 30.58 14.00
CA LYS A 693 -23.28 30.72 14.30
C LYS A 693 -22.98 30.51 15.78
N TYR A 694 -23.89 30.92 16.66
CA TYR A 694 -23.70 30.78 18.12
C TYR A 694 -23.28 29.36 18.48
N ASP A 695 -23.70 28.39 17.66
CA ASP A 695 -23.28 27.00 17.82
C ASP A 695 -21.84 26.77 17.42
N ALA A 696 -21.41 27.32 16.30
CA ALA A 696 -20.01 27.23 15.87
C ALA A 696 -19.07 27.57 17.00
N PHE A 697 -19.50 28.47 17.88
CA PHE A 697 -18.68 28.97 18.96
C PHE A 697 -18.82 28.24 20.32
N LEU A 698 -19.65 27.19 20.37
CA LEU A 698 -19.71 26.33 21.55
C LEU A 698 -18.34 25.76 21.98
N VAL A 699 -18.16 25.53 23.26
CA VAL A 699 -16.93 24.93 23.75
C VAL A 699 -16.83 23.49 23.19
N THR A 700 -18.00 22.91 22.91
CA THR A 700 -18.03 21.56 22.34
C THR A 700 -17.49 21.43 20.91
N ASN A 701 -17.17 22.53 20.24
CA ASN A 701 -16.68 22.52 18.86
C ASN A 701 -15.20 22.88 18.77
N MET A 702 -14.57 23.08 19.91
CA MET A 702 -13.31 23.78 19.95
C MET A 702 -12.19 22.79 20.17
N VAL A 703 -11.11 22.96 19.43
CA VAL A 703 -9.97 22.05 19.55
C VAL A 703 -8.70 22.87 19.60
N PRO A 704 -7.60 22.31 20.12
CA PRO A 704 -6.31 22.99 20.14
C PRO A 704 -5.59 23.04 18.80
N MET A 705 -5.19 24.25 18.37
CA MET A 705 -4.42 24.45 17.14
C MET A 705 -3.31 25.46 17.32
N TYR A 706 -2.11 25.06 16.96
CA TYR A 706 -0.99 25.97 16.75
C TYR A 706 -1.40 27.03 15.76
N PRO A 707 -0.91 28.26 15.93
CA PRO A 707 -1.31 29.21 14.87
C PRO A 707 -0.74 28.85 13.46
N ALA A 708 0.35 28.11 13.40
CA ALA A 708 0.90 27.75 12.09
C ALA A 708 -0.09 26.85 11.39
N PHE A 709 -0.79 26.04 12.18
CA PHE A 709 -1.85 25.19 11.68
C PHE A 709 -3.08 26.00 11.26
N LYS A 710 -3.58 26.85 12.16
CA LYS A 710 -4.80 27.62 11.89
C LYS A 710 -4.83 28.20 10.48
N ARG A 711 -3.72 28.77 10.01
CA ARG A 711 -3.65 29.25 8.63
C ARG A 711 -4.12 28.18 7.68
N VAL A 712 -3.64 26.98 7.91
CA VAL A 712 -3.98 25.90 7.02
C VAL A 712 -5.44 25.48 7.18
N TRP A 713 -5.86 25.23 8.40
CA TRP A 713 -7.22 24.84 8.70
C TRP A 713 -8.20 25.92 8.20
N ASN A 714 -7.89 27.19 8.41
CA ASN A 714 -8.75 28.27 7.98
C ASN A 714 -8.96 28.33 6.49
N TYR A 715 -7.89 28.04 5.73
CA TYR A 715 -8.00 28.08 4.28
C TYR A 715 -8.90 26.93 3.83
N PHE A 716 -8.76 25.81 4.51
CA PHE A 716 -9.48 24.64 4.17
C PHE A 716 -10.95 24.89 4.46
N GLN A 717 -11.26 25.50 5.59
CA GLN A 717 -12.66 25.61 5.98
C GLN A 717 -13.35 26.73 5.26
N ARG A 718 -12.63 27.81 4.95
CA ARG A 718 -13.25 29.07 4.41
C ARG A 718 -13.07 29.33 2.91
N VAL A 719 -12.10 28.68 2.26
CA VAL A 719 -11.92 28.74 0.80
C VAL A 719 -12.20 27.35 0.19
N LEU A 720 -11.38 26.36 0.55
CA LEU A 720 -11.36 25.07 -0.13
C LEU A 720 -12.64 24.24 -0.03
N VAL A 721 -13.37 24.34 1.07
CA VAL A 721 -14.61 23.57 1.17
C VAL A 721 -15.69 24.02 0.21
N LYS A 722 -15.97 25.32 0.16
CA LYS A 722 -16.97 25.87 -0.78
C LYS A 722 -16.55 25.53 -2.25
N LYS A 723 -15.25 25.62 -2.54
CA LYS A 723 -14.66 25.16 -3.81
C LYS A 723 -14.88 23.67 -4.11
N TYR A 724 -14.71 22.84 -3.09
CA TYR A 724 -14.94 21.40 -3.24
C TYR A 724 -16.39 21.19 -3.52
N ALA A 725 -17.23 22.03 -2.93
CA ALA A 725 -18.67 21.93 -3.06
C ALA A 725 -19.14 22.46 -4.42
N SER A 726 -18.40 23.38 -5.02
CA SER A 726 -18.72 23.76 -6.37
C SER A 726 -18.30 22.70 -7.41
N GLU A 727 -17.23 21.97 -7.12
CA GLU A 727 -16.66 21.07 -8.12
C GLU A 727 -17.37 19.73 -8.18
N ARG A 728 -18.08 19.36 -7.12
CA ARG A 728 -18.61 17.99 -7.00
C ARG A 728 -20.07 17.94 -6.65
N ASN A 729 -20.69 19.10 -6.47
CA ASN A 729 -22.13 19.22 -6.34
C ASN A 729 -22.50 18.90 -4.90
N GLY A 730 -21.88 19.66 -4.02
CA GLY A 730 -22.05 19.48 -2.60
C GLY A 730 -21.06 18.44 -2.13
N VAL A 731 -20.74 18.51 -0.85
CA VAL A 731 -19.86 17.54 -0.22
C VAL A 731 -20.31 17.36 1.22
N ASN A 732 -20.16 16.12 1.71
CA ASN A 732 -20.29 15.81 3.11
C ASN A 732 -18.91 15.78 3.75
N VAL A 733 -18.74 16.57 4.81
CA VAL A 733 -17.46 16.73 5.52
C VAL A 733 -17.55 16.13 6.92
N ILE A 734 -16.63 15.23 7.23
CA ILE A 734 -16.41 14.83 8.60
C ILE A 734 -14.96 15.10 8.94
N SER A 735 -14.78 15.96 9.94
CA SER A 735 -13.47 16.31 10.42
C SER A 735 -13.31 15.93 11.88
N GLY A 736 -12.06 15.76 12.28
CA GLY A 736 -11.80 15.41 13.65
C GLY A 736 -10.33 15.39 13.99
N PRO A 737 -10.02 15.05 15.24
CA PRO A 737 -8.66 15.00 15.72
C PRO A 737 -8.09 13.61 15.61
N ILE A 738 -6.77 13.55 15.56
CA ILE A 738 -6.06 12.27 15.70
C ILE A 738 -4.88 12.42 16.66
N PHE A 739 -4.74 11.43 17.55
CA PHE A 739 -3.61 11.36 18.51
C PHE A 739 -2.81 10.09 18.22
N ASP A 740 -1.53 10.24 17.83
CA ASP A 740 -0.64 9.10 17.59
C ASP A 740 0.79 9.44 17.96
N TYR A 741 0.99 9.82 19.23
CA TYR A 741 2.31 10.20 19.73
C TYR A 741 3.31 9.08 19.58
N ASP A 742 2.87 7.83 19.59
CA ASP A 742 3.79 6.68 19.34
C ASP A 742 3.99 6.32 17.86
N TYR A 743 3.34 7.06 16.95
CA TYR A 743 3.43 6.84 15.50
C TYR A 743 3.36 5.37 15.05
N ASP A 744 2.42 4.63 15.62
CA ASP A 744 2.22 3.24 15.28
C ASP A 744 0.99 3.10 14.34
N GLY A 745 0.39 4.24 14.00
CA GLY A 745 -0.75 4.27 13.10
C GLY A 745 -2.07 3.96 13.76
N LEU A 746 -2.04 3.67 15.06
CA LEU A 746 -3.23 3.31 15.80
C LEU A 746 -3.66 4.42 16.71
N HIS A 747 -4.97 4.52 16.89
CA HIS A 747 -5.54 5.41 17.88
C HIS A 747 -4.74 5.34 19.17
N ASP A 748 -4.30 6.48 19.69
CA ASP A 748 -3.65 6.49 20.99
C ASP A 748 -4.67 6.33 22.12
N THR A 749 -4.26 5.63 23.19
CA THR A 749 -4.90 5.75 24.52
C THR A 749 -4.12 6.75 25.35
N GLU A 750 -4.79 7.27 26.37
CA GLU A 750 -4.31 8.38 27.21
C GLU A 750 -2.84 8.26 27.60
N ASP A 751 -2.47 7.13 28.20
CA ASP A 751 -1.10 6.94 28.67
C ASP A 751 -0.04 7.43 27.65
N LYS A 752 -0.31 7.19 26.37
CA LYS A 752 0.59 7.57 25.28
C LYS A 752 0.72 9.07 25.03
N ILE A 753 -0.27 9.85 25.42
CA ILE A 753 -0.31 11.26 25.05
C ILE A 753 0.70 12.07 25.84
N LYS A 754 1.51 12.83 25.12
CA LYS A 754 2.73 13.44 25.68
C LYS A 754 2.61 14.94 25.78
N GLN A 755 1.41 15.47 25.61
CA GLN A 755 1.25 16.90 25.50
C GLN A 755 -0.19 17.38 25.60
N TYR A 756 -0.41 18.28 26.56
CA TYR A 756 -1.73 18.81 26.87
C TYR A 756 -1.65 20.31 26.73
N VAL A 757 -2.81 20.99 26.77
CA VAL A 757 -2.79 22.46 26.86
C VAL A 757 -2.37 22.84 28.28
N GLU A 758 -1.42 23.79 28.38
CA GLU A 758 -0.74 24.14 29.65
C GLU A 758 -1.64 24.07 30.90
N GLY A 759 -1.24 23.22 31.85
CA GLY A 759 -1.97 23.10 33.12
C GLY A 759 -3.33 22.43 33.08
N SER A 760 -3.72 21.88 31.93
CA SER A 760 -5.04 21.31 31.77
C SER A 760 -4.95 19.84 31.48
N SER A 761 -6.12 19.22 31.47
CA SER A 761 -6.34 17.83 31.07
C SER A 761 -6.72 17.76 29.55
N ILE A 762 -6.43 18.81 28.79
CA ILE A 762 -6.84 18.92 27.36
C ILE A 762 -5.73 18.46 26.41
N PRO A 763 -5.87 17.24 25.87
CA PRO A 763 -4.84 16.65 25.04
C PRO A 763 -4.75 17.31 23.66
N VAL A 764 -3.54 17.35 23.12
CA VAL A 764 -3.24 18.01 21.84
C VAL A 764 -3.08 17.00 20.70
N PRO A 765 -3.91 17.08 19.67
CA PRO A 765 -3.77 16.08 18.61
C PRO A 765 -2.46 16.16 17.86
N THR A 766 -2.03 15.04 17.29
CA THR A 766 -0.86 14.97 16.37
C THR A 766 -1.21 15.42 14.94
N HIS A 767 -2.45 15.15 14.56
CA HIS A 767 -2.94 15.48 13.25
C HIS A 767 -4.41 15.74 13.41
N TYR A 768 -5.00 16.20 12.30
CA TYR A 768 -6.43 16.35 12.19
C TYR A 768 -6.79 15.79 10.82
N TYR A 769 -8.01 15.28 10.72
CA TYR A 769 -8.49 14.62 9.50
C TYR A 769 -9.74 15.25 8.96
N SER A 770 -9.96 15.01 7.68
CA SER A 770 -11.26 15.22 7.15
C SER A 770 -11.59 14.17 6.11
N ILE A 771 -12.89 13.85 6.04
CA ILE A 771 -13.39 12.94 5.02
C ILE A 771 -14.44 13.61 4.19
N ILE A 772 -14.20 13.63 2.88
CA ILE A 772 -14.97 14.44 1.98
C ILE A 772 -15.62 13.56 0.93
N THR A 773 -16.94 13.43 1.06
CA THR A 773 -17.71 12.45 0.35
C THR A 773 -18.74 13.17 -0.52
N SER A 774 -18.99 12.63 -1.71
CA SER A 774 -20.04 13.12 -2.61
C SER A 774 -20.54 11.97 -3.47
N CYS A 775 -21.08 12.26 -4.65
CA CYS A 775 -21.70 11.28 -5.53
C CYS A 775 -20.82 11.11 -6.72
N LEU A 776 -20.37 9.90 -7.00
CA LEU A 776 -19.58 9.64 -8.20
CA LEU A 776 -19.58 9.62 -8.20
C LEU A 776 -20.32 10.19 -9.40
N ASP A 777 -21.65 9.97 -9.42
CA ASP A 777 -22.52 10.59 -10.40
C ASP A 777 -22.81 11.98 -9.92
N PHE A 778 -21.98 12.90 -10.38
CA PHE A 778 -21.98 14.27 -9.89
C PHE A 778 -23.15 15.09 -10.41
N THR A 779 -24.01 14.46 -11.19
CA THR A 779 -25.27 15.09 -11.60
C THR A 779 -26.24 15.04 -10.45
N GLN A 780 -25.92 14.23 -9.44
CA GLN A 780 -26.73 14.14 -8.25
C GLN A 780 -26.09 14.86 -7.07
N PRO A 781 -26.85 15.75 -6.45
CA PRO A 781 -26.41 16.40 -5.23
C PRO A 781 -25.92 15.40 -4.21
N ALA A 782 -24.73 15.65 -3.66
CA ALA A 782 -24.20 14.85 -2.58
C ALA A 782 -25.25 14.32 -1.57
N ASP A 783 -26.40 14.99 -1.40
CA ASP A 783 -27.44 14.47 -0.48
C ASP A 783 -28.66 13.81 -1.13
N LYS A 784 -28.73 13.80 -2.46
CA LYS A 784 -29.80 13.13 -3.18
C LYS A 784 -29.12 12.15 -4.14
N CYS A 785 -28.31 11.27 -3.54
CA CYS A 785 -27.36 10.44 -4.24
C CYS A 785 -27.79 9.00 -4.06
N ASP A 786 -27.94 8.28 -5.16
CA ASP A 786 -28.56 6.96 -5.15
C ASP A 786 -27.57 5.85 -5.38
N GLY A 787 -26.36 6.20 -5.78
CA GLY A 787 -25.44 5.24 -6.33
C GLY A 787 -24.12 5.31 -5.63
N PRO A 788 -23.07 4.85 -6.33
CA PRO A 788 -21.74 4.82 -5.75
C PRO A 788 -21.39 6.19 -5.20
N LEU A 789 -20.37 6.24 -4.36
CA LEU A 789 -19.91 7.47 -3.71
C LEU A 789 -18.50 7.85 -4.18
N SER A 790 -18.19 9.13 -4.03
CA SER A 790 -16.86 9.64 -4.37
C SER A 790 -16.30 10.17 -3.09
N VAL A 791 -15.14 9.68 -2.71
CA VAL A 791 -14.58 10.12 -1.45
C VAL A 791 -13.13 10.55 -1.60
N SER A 792 -12.78 11.60 -0.84
CA SER A 792 -11.39 12.01 -0.66
C SER A 792 -11.14 12.34 0.79
N SER A 793 -9.90 12.19 1.20
CA SER A 793 -9.57 12.35 2.60
C SER A 793 -8.14 12.75 2.84
N PHE A 794 -7.90 13.48 3.94
CA PHE A 794 -6.54 13.79 4.34
C PHE A 794 -6.28 13.64 5.82
N ILE A 795 -4.99 13.56 6.15
CA ILE A 795 -4.55 13.55 7.54
C ILE A 795 -3.41 14.53 7.64
N LEU A 796 -3.73 15.71 8.17
CA LEU A 796 -2.80 16.83 8.20
C LEU A 796 -2.01 16.87 9.51
N PRO A 797 -0.66 16.98 9.41
CA PRO A 797 0.16 16.93 10.62
C PRO A 797 0.10 18.23 11.35
N HIS A 798 -0.05 18.14 12.67
CA HIS A 798 -0.34 19.30 13.51
C HIS A 798 0.95 19.85 14.12
N ARG A 799 1.55 20.85 13.48
CA ARG A 799 2.92 21.25 13.85
C ARG A 799 3.11 22.73 14.21
N PRO A 800 4.16 23.03 14.99
CA PRO A 800 4.20 24.41 15.52
C PRO A 800 4.56 25.45 14.48
N ASP A 801 5.34 25.03 13.47
CA ASP A 801 5.73 25.85 12.34
C ASP A 801 5.44 25.12 11.00
N ASN A 802 5.47 25.89 9.92
CA ASN A 802 5.25 25.37 8.61
C ASN A 802 6.60 25.16 7.85
N GLU A 803 7.62 24.72 8.58
CA GLU A 803 8.89 24.40 7.96
C GLU A 803 8.70 23.55 6.65
N GLU A 804 7.70 22.67 6.63
CA GLU A 804 7.55 21.67 5.59
C GLU A 804 7.19 22.26 4.21
N SER A 805 6.50 23.40 4.23
CA SER A 805 6.08 24.10 3.03
C SER A 805 7.03 25.26 2.75
N CYS A 806 8.06 24.99 1.97
CA CYS A 806 9.01 25.99 1.55
C CYS A 806 8.45 27.31 1.01
N ASN A 807 7.21 27.32 0.52
CA ASN A 807 6.56 28.58 0.10
C ASN A 807 5.55 29.14 1.10
N SER A 808 5.57 28.65 2.34
CA SER A 808 4.60 29.12 3.35
C SER A 808 4.75 30.57 3.79
N SER A 809 5.79 31.27 3.34
CA SER A 809 5.85 32.71 3.58
C SER A 809 4.65 33.37 2.91
N GLU A 810 4.27 32.86 1.75
CA GLU A 810 3.33 33.55 0.87
C GLU A 810 1.87 33.43 1.31
N ASP A 811 0.94 33.95 0.50
CA ASP A 811 -0.48 33.67 0.71
C ASP A 811 -0.73 32.15 0.71
N GLU A 812 -1.78 31.76 1.44
CA GLU A 812 -2.12 30.37 1.59
C GLU A 812 -2.50 29.71 0.26
N SER A 813 -2.90 30.51 -0.73
CA SER A 813 -3.21 30.01 -2.05
C SER A 813 -2.01 29.45 -2.82
N LYS A 814 -0.82 29.61 -2.27
CA LYS A 814 0.40 29.26 -2.98
C LYS A 814 1.09 28.07 -2.34
N TRP A 815 0.53 27.52 -1.27
CA TRP A 815 1.18 26.37 -0.66
C TRP A 815 0.30 25.39 0.10
N VAL A 816 -0.84 25.83 0.61
CA VAL A 816 -1.72 24.95 1.38
C VAL A 816 -2.24 23.75 0.60
N GLU A 817 -2.79 24.01 -0.59
CA GLU A 817 -3.38 22.94 -1.36
C GLU A 817 -2.28 21.93 -1.70
N GLU A 818 -1.07 22.43 -1.94
CA GLU A 818 0.05 21.55 -2.16
C GLU A 818 0.33 20.73 -0.93
N LEU A 819 0.31 21.32 0.24
CA LEU A 819 0.55 20.53 1.43
C LEU A 819 -0.53 19.52 1.65
N MET A 820 -1.77 19.93 1.44
CA MET A 820 -2.88 19.01 1.70
C MET A 820 -2.79 17.72 0.88
N LYS A 821 -2.50 17.87 -0.41
CA LYS A 821 -2.41 16.74 -1.35
C LYS A 821 -1.34 15.75 -0.94
N MET A 822 -0.22 16.29 -0.51
CA MET A 822 0.82 15.45 0.07
C MET A 822 0.30 14.59 1.20
N HIS A 823 -0.68 15.09 1.94
CA HIS A 823 -1.19 14.33 3.09
C HIS A 823 -2.60 13.75 2.87
N THR A 824 -2.84 13.36 1.62
CA THR A 824 -4.04 12.63 1.25
C THR A 824 -3.92 11.27 1.90
N ALA A 825 -5.05 10.64 2.15
CA ALA A 825 -5.07 9.41 2.86
C ALA A 825 -6.37 8.66 2.63
N ARG A 826 -6.32 7.36 2.87
CA ARG A 826 -7.47 6.48 2.77
C ARG A 826 -8.33 6.61 3.99
N VAL A 827 -9.61 6.35 3.87
CA VAL A 827 -10.51 6.41 5.00
C VAL A 827 -10.08 5.33 5.98
N ARG A 828 -9.59 4.23 5.43
CA ARG A 828 -9.15 3.12 6.24
C ARG A 828 -8.05 3.60 7.16
N ASP A 829 -7.13 4.37 6.59
CA ASP A 829 -6.06 4.92 7.38
C ASP A 829 -6.67 5.66 8.57
N ILE A 830 -7.66 6.50 8.28
CA ILE A 830 -8.33 7.26 9.32
C ILE A 830 -8.97 6.35 10.39
N GLU A 831 -9.55 5.24 9.96
CA GLU A 831 -10.18 4.34 10.91
C GLU A 831 -9.18 3.74 11.90
N HIS A 832 -7.97 3.43 11.45
CA HIS A 832 -6.96 2.81 12.28
C HIS A 832 -6.57 3.82 13.36
N LEU A 833 -6.28 5.00 12.90
CA LEU A 833 -5.83 6.01 13.77
C LEU A 833 -6.95 6.46 14.71
N THR A 834 -8.21 6.11 14.43
CA THR A 834 -9.33 6.60 15.27
C THR A 834 -10.13 5.50 15.94
N SER A 835 -10.05 4.29 15.44
CA SER A 835 -10.98 3.24 15.85
C SER A 835 -12.43 3.73 15.76
N LEU A 836 -12.72 4.47 14.68
CA LEU A 836 -14.08 4.74 14.28
C LEU A 836 -14.35 3.91 13.05
N ASP A 837 -15.63 3.66 12.80
CA ASP A 837 -16.07 2.92 11.59
C ASP A 837 -17.09 3.76 10.82
N PHE A 838 -16.72 4.12 9.59
CA PHE A 838 -17.47 5.05 8.75
C PHE A 838 -18.29 4.34 7.71
N PHE A 839 -19.31 5.03 7.17
CA PHE A 839 -20.15 4.51 6.08
C PHE A 839 -20.89 3.20 6.42
N ARG A 840 -21.77 3.22 7.42
CA ARG A 840 -22.44 1.99 7.86
C ARG A 840 -23.95 2.04 7.60
N LYS A 841 -24.39 3.13 6.95
CA LYS A 841 -25.79 3.32 6.61
C LYS A 841 -25.87 3.84 5.18
N THR A 842 -25.63 2.96 4.20
CA THR A 842 -25.74 3.31 2.79
C THR A 842 -26.57 2.29 2.02
N SER A 843 -26.79 2.57 0.75
CA SER A 843 -27.52 1.65 -0.11
C SER A 843 -26.57 0.73 -0.83
N ARG A 844 -25.27 0.85 -0.56
CA ARG A 844 -24.25 0.05 -1.26
C ARG A 844 -23.93 -1.21 -0.47
N SER A 845 -23.42 -2.23 -1.17
CA SER A 845 -22.99 -3.47 -0.51
C SER A 845 -21.73 -3.21 0.29
N TYR A 846 -21.57 -3.95 1.38
CA TYR A 846 -20.43 -3.73 2.28
C TYR A 846 -19.07 -3.95 1.58
N PRO A 847 -18.98 -4.95 0.71
CA PRO A 847 -17.71 -5.08 0.02
C PRO A 847 -17.38 -3.87 -0.85
N GLU A 848 -18.39 -3.20 -1.40
CA GLU A 848 -18.12 -1.97 -2.18
C GLU A 848 -17.52 -0.91 -1.26
N ILE A 849 -18.13 -0.75 -0.09
CA ILE A 849 -17.73 0.25 0.90
C ILE A 849 -16.28 0.05 1.35
N LEU A 850 -15.91 -1.20 1.62
CA LEU A 850 -14.50 -1.50 1.91
C LEU A 850 -13.60 -0.94 0.82
N THR A 851 -14.08 -1.02 -0.42
CA THR A 851 -13.36 -0.52 -1.59
C THR A 851 -13.22 0.99 -1.48
N LEU A 852 -14.34 1.57 -1.14
CA LEU A 852 -14.44 2.99 -1.01
C LEU A 852 -13.46 3.43 0.05
N LYS A 853 -13.42 2.66 1.14
CA LYS A 853 -12.57 2.97 2.28
C LYS A 853 -11.07 2.73 2.03
N THR A 854 -10.75 1.80 1.14
CA THR A 854 -9.36 1.57 0.80
C THR A 854 -8.84 2.55 -0.23
N TYR A 855 -9.68 3.45 -0.71
CA TYR A 855 -9.30 4.24 -1.87
C TYR A 855 -8.44 5.42 -1.48
N LEU A 856 -7.47 5.73 -2.33
CA LEU A 856 -6.62 6.88 -2.19
C LEU A 856 -6.67 7.79 -3.42
N HIS A 857 -7.09 9.04 -3.20
CA HIS A 857 -7.04 10.10 -4.20
C HIS A 857 -5.62 10.64 -4.32
N THR A 858 -4.92 10.33 -5.41
CA THR A 858 -3.48 10.62 -5.49
C THR A 858 -3.02 11.96 -6.10
N TYR A 859 -3.87 12.64 -6.87
CA TYR A 859 -3.47 13.89 -7.56
C TYR A 859 -2.24 13.79 -8.50
N GLU A 860 -1.92 12.60 -8.99
CA GLU A 860 -0.79 12.46 -9.91
C GLU A 860 -1.27 12.47 -11.38
C1 NAG B . -0.83 -3.93 10.32
C2 NAG B . -1.11 -2.95 11.42
C3 NAG B . -0.41 -3.36 12.71
C4 NAG B . -0.55 -4.81 13.07
C5 NAG B . -0.29 -5.64 11.85
C6 NAG B . -0.73 -7.03 12.16
C7 NAG B . -1.52 -0.62 11.00
C8 NAG B . -0.95 0.73 10.87
N2 NAG B . -0.68 -1.63 11.06
O3 NAG B . -0.94 -2.63 13.79
O4 NAG B . 0.43 -5.12 14.05
O5 NAG B . -1.17 -5.18 10.85
O6 NAG B . -2.13 -6.95 12.10
O7 NAG B . -2.70 -0.79 11.06
C1 NAG B . -0.05 -5.79 15.19
C2 NAG B . 1.08 -6.48 15.91
C3 NAG B . 0.68 -6.96 17.31
C4 NAG B . -0.39 -6.15 18.02
C5 NAG B . -1.35 -5.56 17.04
C6 NAG B . -2.26 -4.57 17.72
C7 NAG B . 2.53 -7.48 14.20
C8 NAG B . 2.90 -8.70 13.43
N2 NAG B . 1.58 -7.59 15.11
O3 NAG B . 1.80 -6.83 18.15
O4 NAG B . -1.13 -6.96 18.95
O5 NAG B . -0.55 -4.88 16.11
O6 NAG B . -3.41 -4.44 16.91
O7 NAG B . 3.10 -6.44 13.98
ZN ZN C . 15.79 -1.88 -9.04
CA CA D . -1.02 5.10 18.56
C1 EDO E . 17.32 -3.42 -7.65
O1 EDO E . 17.80 -2.07 -7.71
C2 EDO E . 15.86 -3.45 -7.22
O2 EDO E . 15.73 -3.16 -5.82
S SCN F . 13.31 -12.71 -19.04
C SCN F . 12.41 -13.12 -17.92
N SCN F . 11.63 -13.48 -17.13
S SCN G . -19.19 3.11 -3.54
C SCN G . -19.99 1.92 -3.94
N SCN G . -20.63 1.03 -4.35
CA CA H . -2.24 31.10 23.65
C1 ACD I . 21.81 -14.30 -3.17
C2 ACD I . 20.52 -14.53 -2.50
C3 ACD I . 19.62 -14.93 -3.63
C4 ACD I . 18.26 -14.32 -3.49
C5 ACD I . 17.55 -15.15 -2.48
C6 ACD I . 18.05 -15.29 -1.27
C7 ACD I . 17.34 -16.12 -0.24
C8 ACD I . 16.67 -15.24 0.77
C9 ACD I . 15.77 -15.73 1.60
C10 ACD I . 15.40 -17.18 1.57
C11 ACD I . 15.31 -17.78 2.93
C12 ACD I . 14.54 -17.25 3.87
C13 ACD I . 13.74 -16.02 3.59
C14 ACD I . 13.10 -15.57 4.85
C15 ACD I . 12.30 -16.36 5.54
C16 ACD I . 12.00 -17.75 5.08
C17 ACD I . 11.90 -18.64 6.30
C18 ACD I . 10.64 -18.44 7.11
C19 ACD I . 10.36 -17.01 7.53
C20 ACD I . 9.44 -16.96 8.70
O1 ACD I . 22.88 -14.95 -2.81
O2 ACD I . 21.89 -13.52 -4.06
C15 4O3 J . 12.07 -13.90 -4.86
C17 4O3 J . 15.18 -12.62 -5.92
O1 4O3 J . 14.01 -15.71 -6.18
C16 4O3 J . 14.26 -14.48 -5.98
N2 4O3 J . 15.42 -13.87 -6.33
O 4O3 J . 16.04 -11.69 -6.12
C18 4O3 J . 13.89 -12.26 -5.34
C19 4O3 J . 14.00 -11.54 -4.02
C13 4O3 J . 12.84 -12.00 -3.21
C8 4O3 J . 12.40 -11.50 -1.92
C9 4O3 J . 12.85 -10.48 -1.10
C10 4O3 J . 12.15 -10.24 0.08
C11 4O3 J . 11.05 -11.01 0.45
C12 4O3 J . 10.59 -12.04 -0.36
C7 4O3 J . 11.24 -12.33 -1.58
N1 4O3 J . 13.40 -13.66 -5.39
C14 4O3 J . 11.96 -13.09 -3.56
N 4O3 J . 11.05 -13.22 -2.58
C6 4O3 J . 9.99 -14.24 -2.55
C5 4O3 J . 8.73 -13.78 -3.20
C2 4O3 J . 7.80 -13.07 -2.44
C1 4O3 J . 6.62 -12.66 -3.03
C4 4O3 J . 8.50 -14.09 -4.52
C3 4O3 J . 7.32 -13.68 -5.11
C 4O3 J . 6.39 -12.96 -4.38
F 4O3 J . 5.25 -12.58 -4.95
#